data_2Y4J
#
_entry.id   2Y4J
#
_cell.length_a   148.975
_cell.length_b   148.975
_cell.length_c   154.973
_cell.angle_alpha   90.00
_cell.angle_beta   90.00
_cell.angle_gamma   120.00
#
_symmetry.space_group_name_H-M   'P 32 2 1'
#
loop_
_entity.id
_entity.type
_entity.pdbx_description
1 polymer 'MANNOSYLGLYCERATE SYNTHASE'
2 non-polymer 'LACTIC ACID'
3 non-polymer 2-AMINO-2-HYDROXYMETHYL-PROPANE-1,3-DIOL
4 non-polymer 'SODIUM ION'
5 water water
#
_entity_poly.entity_id   1
_entity_poly.type   'polypeptide(L)'
_entity_poly.pdbx_seq_one_letter_code
;MSLVVFPFKHEHPEVLLHNVRVAAAHPRVHEVLCIGYERDQTYEAVERAAPEISRATGTPVSVRLQERLGTLRPGKGDGM
NTALRYFLEETQWERIHFYDADITSFGPDWITKAEEAADFGYGLVRHYFPRASTDAMITWMITRTGFALLWPHTELSWIE
QPLGGELLMRREVAAMLYEDERVRRRSDWGIDTLYTFVTVQQGVSIYECYIPEGKAHRLYGGLDDLRTMLVECFAAIQSL
QHEVVGQPAIHRQEHPHRVPVHIAERVGYDVEATLHRLMQHWTPRQVELLELFTTPVREGLRTCQRRPAFNFMDEMAWAA
TYHVLLEHFQPGDPDWEELLFKLWTTRVLNYTMTVALRGYDYAQQYLYRMLGRYRYQAALEN
;
_entity_poly.pdbx_strand_id   A,B
#
loop_
_chem_comp.id
_chem_comp.type
_chem_comp.name
_chem_comp.formula
LAC non-polymer 'LACTIC ACID' 'C3 H6 O3'
NA non-polymer 'SODIUM ION' 'Na 1'
TRS non-polymer 2-AMINO-2-HYDROXYMETHYL-PROPANE-1,3-DIOL 'C4 H12 N O3 1'
#
# COMPACT_ATOMS: atom_id res chain seq x y z
N SER A 2 6.21 -16.34 -40.93
CA SER A 2 5.88 -16.30 -39.45
C SER A 2 4.38 -16.43 -39.10
N LEU A 3 4.02 -17.42 -38.29
CA LEU A 3 2.65 -17.57 -37.79
C LEU A 3 2.39 -16.87 -36.45
N VAL A 4 1.27 -16.17 -36.36
CA VAL A 4 0.85 -15.54 -35.11
C VAL A 4 -0.44 -16.20 -34.64
N VAL A 5 -0.46 -16.63 -33.38
CA VAL A 5 -1.60 -17.34 -32.83
C VAL A 5 -2.27 -16.55 -31.73
N PHE A 6 -3.60 -16.46 -31.80
CA PHE A 6 -4.40 -15.93 -30.71
C PHE A 6 -5.33 -17.01 -30.17
N PRO A 7 -5.02 -17.57 -29.00
CA PRO A 7 -5.98 -18.41 -28.28
C PRO A 7 -7.07 -17.57 -27.65
N PHE A 8 -8.32 -18.02 -27.77
CA PHE A 8 -9.48 -17.33 -27.18
C PHE A 8 -10.53 -18.28 -26.68
N LYS A 9 -11.40 -17.79 -25.80
CA LYS A 9 -12.60 -18.52 -25.39
C LYS A 9 -13.72 -17.51 -25.13
N HIS A 10 -13.62 -16.81 -24.02
CA HIS A 10 -14.68 -15.93 -23.53
C HIS A 10 -14.58 -14.45 -24.00
N GLU A 11 -13.45 -14.08 -24.63
CA GLU A 11 -13.20 -12.70 -25.12
C GLU A 11 -14.28 -12.19 -26.06
N HIS A 12 -14.56 -10.88 -25.97
CA HIS A 12 -15.43 -10.16 -26.90
C HIS A 12 -14.75 -10.11 -28.27
N PRO A 13 -15.54 -10.14 -29.36
CA PRO A 13 -14.98 -10.18 -30.72
C PRO A 13 -14.12 -8.98 -31.14
N GLU A 14 -14.49 -7.77 -30.71
CA GLU A 14 -13.89 -6.54 -31.23
C GLU A 14 -12.41 -6.45 -30.87
N VAL A 15 -12.07 -6.86 -29.66
CA VAL A 15 -10.67 -6.77 -29.21
C VAL A 15 -9.77 -7.78 -29.93
N LEU A 16 -10.25 -9.01 -30.07
CA LEU A 16 -9.53 -10.02 -30.81
C LEU A 16 -9.39 -9.67 -32.31
N LEU A 17 -10.46 -9.18 -32.91
CA LEU A 17 -10.40 -8.78 -34.31
C LEU A 17 -9.44 -7.63 -34.53
N HIS A 18 -9.41 -6.67 -33.62
CA HIS A 18 -8.43 -5.58 -33.70
C HIS A 18 -7.00 -6.11 -33.72
N ASN A 19 -6.65 -6.95 -32.73
CA ASN A 19 -5.34 -7.59 -32.67
C ASN A 19 -4.99 -8.43 -33.90
N VAL A 20 -5.97 -9.16 -34.42
CA VAL A 20 -5.79 -9.94 -35.63
C VAL A 20 -5.37 -9.04 -36.79
N ARG A 21 -6.00 -7.88 -36.85
CA ARG A 21 -5.76 -6.94 -37.93
C ARG A 21 -4.35 -6.35 -37.86
N VAL A 22 -3.88 -6.08 -36.64
CA VAL A 22 -2.50 -5.62 -36.46
C VAL A 22 -1.54 -6.71 -36.93
N ALA A 23 -1.70 -7.92 -36.41
CA ALA A 23 -0.79 -8.99 -36.75
C ALA A 23 -0.78 -9.31 -38.24
N ALA A 24 -1.95 -9.32 -38.86
CA ALA A 24 -2.05 -9.65 -40.29
C ALA A 24 -1.36 -8.57 -41.16
N ALA A 25 -1.52 -7.32 -40.74
CA ALA A 25 -0.90 -6.18 -41.43
C ALA A 25 0.62 -6.17 -41.34
N HIS A 26 1.20 -6.87 -40.36
CA HIS A 26 2.62 -6.76 -40.12
C HIS A 26 3.46 -7.37 -41.22
N PRO A 27 4.48 -6.64 -41.68
CA PRO A 27 5.29 -7.13 -42.81
C PRO A 27 5.84 -8.55 -42.61
N ARG A 28 6.23 -8.92 -41.39
CA ARG A 28 6.92 -10.19 -41.16
C ARG A 28 6.01 -11.39 -40.82
N VAL A 29 4.71 -11.14 -40.72
CA VAL A 29 3.73 -12.12 -40.38
C VAL A 29 3.11 -12.71 -41.65
N HIS A 30 3.29 -14.00 -41.85
CA HIS A 30 2.77 -14.70 -43.04
C HIS A 30 1.36 -15.29 -42.91
N GLU A 31 0.88 -15.45 -41.67
CA GLU A 31 -0.40 -16.09 -41.36
C GLU A 31 -0.83 -15.82 -39.90
N VAL A 32 -2.11 -15.64 -39.69
CA VAL A 32 -2.64 -15.54 -38.36
C VAL A 32 -3.62 -16.68 -38.10
N LEU A 33 -3.46 -17.34 -36.96
CA LEU A 33 -4.37 -18.37 -36.53
C LEU A 33 -5.04 -17.98 -35.21
N CYS A 34 -6.37 -18.01 -35.15
CA CYS A 34 -7.06 -17.96 -33.87
C CYS A 34 -7.59 -19.33 -33.51
N ILE A 35 -7.43 -19.71 -32.26
CA ILE A 35 -7.83 -20.99 -31.75
C ILE A 35 -8.82 -20.76 -30.61
N GLY A 36 -10.01 -21.31 -30.74
CA GLY A 36 -11.03 -21.19 -29.71
C GLY A 36 -11.50 -22.50 -29.16
N TYR A 37 -12.34 -22.42 -28.15
CA TYR A 37 -12.84 -23.60 -27.51
C TYR A 37 -14.01 -24.25 -28.27
N GLU A 38 -14.94 -23.42 -28.74
CA GLU A 38 -16.20 -23.90 -29.30
C GLU A 38 -16.72 -22.87 -30.32
N ARG A 39 -17.54 -23.30 -31.26
CA ARG A 39 -18.13 -22.43 -32.28
C ARG A 39 -19.23 -21.54 -31.64
N ASP A 40 -18.82 -20.48 -30.95
CA ASP A 40 -19.76 -19.50 -30.35
C ASP A 40 -19.85 -18.20 -31.16
N GLN A 41 -20.65 -17.24 -30.63
CA GLN A 41 -20.84 -15.90 -31.25
C GLN A 41 -19.53 -15.29 -31.71
N THR A 42 -18.56 -15.28 -30.80
CA THR A 42 -17.22 -14.72 -31.05
C THR A 42 -16.46 -15.46 -32.13
N TYR A 43 -16.53 -16.79 -32.09
CA TYR A 43 -15.82 -17.64 -33.03
C TYR A 43 -16.38 -17.44 -34.44
N GLU A 44 -17.70 -17.36 -34.51
CA GLU A 44 -18.39 -17.07 -35.77
C GLU A 44 -18.07 -15.66 -36.32
N ALA A 45 -18.11 -14.64 -35.45
CA ALA A 45 -17.69 -13.29 -35.82
C ALA A 45 -16.31 -13.26 -36.46
N VAL A 46 -15.34 -13.94 -35.84
CA VAL A 46 -13.99 -13.91 -36.41
C VAL A 46 -13.91 -14.68 -37.71
N GLU A 47 -14.69 -15.75 -37.81
CA GLU A 47 -14.79 -16.51 -39.07
C GLU A 47 -15.37 -15.65 -40.22
N ARG A 48 -16.42 -14.87 -39.90
CA ARG A 48 -17.07 -13.97 -40.84
C ARG A 48 -16.13 -12.87 -41.33
N ALA A 49 -15.44 -12.24 -40.37
CA ALA A 49 -14.55 -11.12 -40.63
C ALA A 49 -13.24 -11.53 -41.26
N ALA A 50 -12.89 -12.81 -41.11
CA ALA A 50 -11.60 -13.34 -41.56
C ALA A 50 -11.24 -13.05 -43.02
N PRO A 51 -12.20 -13.23 -43.96
CA PRO A 51 -11.84 -13.11 -45.39
C PRO A 51 -11.62 -11.66 -45.89
N GLU A 52 -12.35 -10.72 -45.29
CA GLU A 52 -12.17 -9.30 -45.57
C GLU A 52 -10.76 -8.89 -45.16
N ILE A 53 -10.31 -9.44 -44.03
CA ILE A 53 -8.97 -9.16 -43.48
C ILE A 53 -7.87 -9.80 -44.31
N SER A 54 -8.09 -11.03 -44.76
CA SER A 54 -7.10 -11.66 -45.62
C SER A 54 -6.96 -10.93 -46.96
N ARG A 55 -8.07 -10.50 -47.55
CA ARG A 55 -7.97 -9.78 -48.84
C ARG A 55 -7.21 -8.45 -48.66
N ALA A 56 -7.62 -7.67 -47.64
CA ALA A 56 -7.00 -6.37 -47.28
C ALA A 56 -5.49 -6.39 -46.97
N THR A 57 -4.99 -7.51 -46.42
CA THR A 57 -3.60 -7.60 -45.97
C THR A 57 -2.75 -8.55 -46.80
N GLY A 58 -3.39 -9.36 -47.64
CA GLY A 58 -2.67 -10.42 -48.36
C GLY A 58 -2.17 -11.51 -47.42
N THR A 59 -2.78 -11.59 -46.25
CA THR A 59 -2.31 -12.51 -45.23
C THR A 59 -3.45 -13.42 -44.79
N PRO A 60 -3.26 -14.74 -44.94
CA PRO A 60 -4.28 -15.70 -44.55
C PRO A 60 -4.61 -15.67 -43.04
N VAL A 61 -5.90 -15.58 -42.73
CA VAL A 61 -6.39 -15.64 -41.37
C VAL A 61 -7.29 -16.87 -41.21
N SER A 62 -6.86 -17.81 -40.38
CA SER A 62 -7.63 -19.03 -40.12
C SER A 62 -8.13 -19.08 -38.67
N VAL A 63 -9.30 -19.69 -38.48
CA VAL A 63 -9.85 -20.01 -37.15
C VAL A 63 -9.96 -21.54 -37.04
N ARG A 64 -9.67 -22.08 -35.85
CA ARG A 64 -9.72 -23.53 -35.59
C ARG A 64 -10.18 -23.75 -34.18
N LEU A 65 -10.62 -24.97 -33.89
CA LEU A 65 -11.00 -25.36 -32.53
C LEU A 65 -9.83 -26.05 -31.87
N GLN A 66 -9.70 -25.83 -30.56
CA GLN A 66 -8.74 -26.60 -29.80
C GLN A 66 -9.19 -28.06 -29.72
N GLU A 67 -8.22 -28.96 -29.77
CA GLU A 67 -8.53 -30.35 -29.69
C GLU A 67 -8.07 -30.92 -28.36
N ARG A 68 -8.63 -32.06 -27.99
CA ARG A 68 -8.29 -32.61 -26.73
C ARG A 68 -6.93 -33.38 -26.83
N LEU A 69 -5.84 -32.70 -26.50
CA LEU A 69 -4.52 -33.28 -26.67
C LEU A 69 -3.90 -33.72 -25.37
N GLY A 70 -4.35 -33.11 -24.26
CA GLY A 70 -3.84 -33.45 -22.96
C GLY A 70 -4.90 -34.06 -22.05
N THR A 71 -4.58 -34.11 -20.76
CA THR A 71 -5.31 -34.97 -19.85
C THR A 71 -5.75 -34.31 -18.57
N LEU A 72 -5.64 -32.99 -18.50
CA LEU A 72 -6.06 -32.24 -17.33
C LEU A 72 -7.35 -31.49 -17.70
N ARG A 73 -7.80 -30.55 -16.87
CA ARG A 73 -8.87 -29.65 -17.30
C ARG A 73 -8.56 -29.16 -18.75
N PRO A 74 -9.58 -29.16 -19.62
CA PRO A 74 -9.34 -28.72 -20.97
C PRO A 74 -9.36 -27.18 -21.09
N GLY A 75 -8.20 -26.55 -21.00
CA GLY A 75 -8.11 -25.09 -21.07
C GLY A 75 -7.03 -24.61 -22.03
N LYS A 76 -6.18 -23.71 -21.54
CA LYS A 76 -5.30 -22.97 -22.41
C LYS A 76 -4.27 -23.90 -23.10
N GLY A 77 -3.83 -24.90 -22.37
CA GLY A 77 -2.81 -25.83 -22.89
C GLY A 77 -3.25 -26.57 -24.13
N ASP A 78 -4.50 -27.03 -24.14
CA ASP A 78 -5.02 -27.68 -25.31
C ASP A 78 -5.02 -26.70 -26.47
N GLY A 79 -5.36 -25.41 -26.22
CA GLY A 79 -5.40 -24.42 -27.30
C GLY A 79 -4.01 -24.20 -27.92
N MET A 80 -3.04 -23.94 -27.06
CA MET A 80 -1.65 -23.68 -27.50
C MET A 80 -1.07 -24.93 -28.20
N ASN A 81 -1.27 -26.11 -27.59
CA ASN A 81 -0.72 -27.35 -28.17
C ASN A 81 -1.36 -27.66 -29.53
N THR A 82 -2.66 -27.41 -29.65
CA THR A 82 -3.31 -27.51 -30.93
C THR A 82 -2.69 -26.56 -31.94
N ALA A 83 -2.39 -25.33 -31.53
CA ALA A 83 -1.69 -24.40 -32.42
C ALA A 83 -0.31 -24.94 -32.81
N LEU A 84 0.43 -25.55 -31.87
CA LEU A 84 1.72 -26.16 -32.20
C LEU A 84 1.59 -27.24 -33.30
N ARG A 85 0.64 -28.15 -33.15
CA ARG A 85 0.41 -29.13 -34.18
C ARG A 85 0.10 -28.47 -35.53
N TYR A 86 -0.78 -27.48 -35.53
CA TYR A 86 -1.13 -26.86 -36.78
C TYR A 86 0.12 -26.25 -37.45
N PHE A 87 0.93 -25.58 -36.66
CA PHE A 87 2.10 -24.91 -37.13
C PHE A 87 3.10 -25.95 -37.66
N LEU A 88 3.27 -27.05 -36.94
CA LEU A 88 4.20 -28.08 -37.35
C LEU A 88 3.80 -28.95 -38.55
N GLU A 89 2.49 -29.17 -38.73
CA GLU A 89 1.99 -30.21 -39.64
C GLU A 89 1.29 -29.62 -40.83
N GLU A 90 0.79 -28.39 -40.69
CA GLU A 90 0.07 -27.79 -41.78
C GLU A 90 0.75 -26.53 -42.29
N THR A 91 1.93 -26.19 -41.77
CA THR A 91 2.66 -25.03 -42.31
C THR A 91 4.14 -25.34 -42.39
N GLN A 92 4.84 -24.51 -43.15
CA GLN A 92 6.29 -24.57 -43.17
C GLN A 92 6.97 -23.29 -42.63
N TRP A 93 6.20 -22.43 -41.94
CA TRP A 93 6.72 -21.18 -41.34
C TRP A 93 7.84 -21.46 -40.36
N GLU A 94 8.82 -20.57 -40.27
CA GLU A 94 9.96 -20.84 -39.39
C GLU A 94 9.75 -20.47 -37.91
N ARG A 95 8.81 -19.57 -37.66
CA ARG A 95 8.60 -19.04 -36.32
C ARG A 95 7.12 -18.94 -36.00
N ILE A 96 6.81 -19.14 -34.72
CA ILE A 96 5.45 -18.96 -34.21
C ILE A 96 5.40 -17.98 -33.02
N HIS A 97 4.47 -17.03 -33.06
CA HIS A 97 4.16 -16.15 -31.92
C HIS A 97 2.84 -16.59 -31.29
N PHE A 98 2.75 -16.51 -29.97
CA PHE A 98 1.49 -16.49 -29.23
C PHE A 98 1.27 -15.14 -28.57
N TYR A 99 0.03 -14.65 -28.64
CA TYR A 99 -0.45 -13.48 -27.89
C TYR A 99 -1.81 -13.83 -27.33
N ASP A 100 -2.09 -13.45 -26.08
CA ASP A 100 -3.46 -13.58 -25.52
C ASP A 100 -4.42 -12.73 -26.36
N ALA A 101 -5.61 -13.27 -26.61
CA ALA A 101 -6.62 -12.59 -27.44
C ALA A 101 -7.11 -11.26 -26.85
N ASP A 102 -7.09 -11.16 -25.52
CA ASP A 102 -7.66 -10.00 -24.81
C ASP A 102 -6.72 -8.81 -24.53
N ILE A 103 -5.53 -8.77 -25.10
CA ILE A 103 -4.63 -7.66 -24.81
C ILE A 103 -5.10 -6.38 -25.49
N THR A 104 -5.19 -5.28 -24.74
CA THR A 104 -5.80 -4.07 -25.29
C THR A 104 -4.74 -3.02 -25.63
N SER A 105 -3.48 -3.40 -25.45
CA SER A 105 -2.35 -2.50 -25.69
C SER A 105 -1.46 -2.96 -26.83
N PHE A 106 -1.94 -3.93 -27.62
CA PHE A 106 -1.18 -4.58 -28.70
C PHE A 106 -0.90 -3.64 -29.85
N GLY A 107 0.29 -3.74 -30.42
CA GLY A 107 0.67 -2.96 -31.59
C GLY A 107 1.79 -3.66 -32.33
N PRO A 108 2.21 -3.11 -33.49
CA PRO A 108 3.26 -3.71 -34.34
C PRO A 108 4.60 -3.88 -33.64
N ASP A 109 4.81 -3.13 -32.55
CA ASP A 109 6.06 -3.18 -31.81
C ASP A 109 6.30 -4.55 -31.16
N TRP A 110 5.26 -5.14 -30.59
CA TRP A 110 5.39 -6.46 -29.98
C TRP A 110 5.94 -7.46 -31.00
N ILE A 111 5.43 -7.41 -32.23
CA ILE A 111 5.84 -8.37 -33.24
C ILE A 111 7.28 -8.09 -33.68
N THR A 112 7.54 -6.81 -33.95
CA THR A 112 8.84 -6.37 -34.42
C THR A 112 9.95 -6.75 -33.45
N LYS A 113 9.75 -6.45 -32.17
CA LYS A 113 10.83 -6.64 -31.20
C LYS A 113 11.18 -8.11 -31.08
N ALA A 114 10.14 -8.94 -31.08
CA ALA A 114 10.32 -10.35 -30.95
C ALA A 114 11.06 -10.93 -32.15
N GLU A 115 10.69 -10.49 -33.36
CA GLU A 115 11.33 -10.99 -34.58
C GLU A 115 12.80 -10.58 -34.64
N GLU A 116 13.07 -9.31 -34.27
CA GLU A 116 14.45 -8.85 -34.25
C GLU A 116 15.29 -9.65 -33.27
N ALA A 117 14.72 -9.98 -32.11
CA ALA A 117 15.44 -10.82 -31.16
C ALA A 117 15.69 -12.22 -31.71
N ALA A 118 14.72 -12.76 -32.45
CA ALA A 118 14.88 -14.06 -33.06
C ALA A 118 15.98 -14.02 -34.16
N ASP A 119 16.01 -12.93 -34.93
CA ASP A 119 17.05 -12.70 -35.94
C ASP A 119 18.44 -12.79 -35.29
N PHE A 120 18.53 -12.34 -34.05
CA PHE A 120 19.77 -12.32 -33.32
C PHE A 120 20.24 -13.73 -32.95
N GLY A 121 19.34 -14.70 -32.98
CA GLY A 121 19.73 -16.08 -32.75
C GLY A 121 19.02 -16.81 -31.63
N TYR A 122 18.13 -16.14 -30.88
CA TYR A 122 17.51 -16.77 -29.68
C TYR A 122 16.45 -17.81 -30.04
N GLY A 123 16.35 -18.85 -29.26
CA GLY A 123 15.38 -19.89 -29.60
C GLY A 123 13.98 -19.52 -29.15
N LEU A 124 13.90 -18.76 -28.06
CA LEU A 124 12.65 -18.37 -27.44
C LEU A 124 12.73 -16.91 -27.06
N VAL A 125 11.72 -16.15 -27.43
CA VAL A 125 11.60 -14.78 -27.01
C VAL A 125 10.32 -14.66 -26.19
N ARG A 126 10.46 -14.21 -24.96
CA ARG A 126 9.34 -13.97 -24.06
C ARG A 126 9.16 -12.45 -23.90
N HIS A 127 7.93 -11.97 -24.01
CA HIS A 127 7.62 -10.58 -23.71
C HIS A 127 7.40 -10.46 -22.19
N TYR A 128 7.92 -9.40 -21.59
CA TYR A 128 7.62 -9.07 -20.20
C TYR A 128 7.26 -7.60 -20.05
N PHE A 129 6.56 -7.27 -18.96
CA PHE A 129 5.80 -6.02 -18.84
C PHE A 129 5.94 -5.40 -17.48
N PRO A 130 5.79 -4.07 -17.36
CA PRO A 130 5.71 -3.56 -15.99
C PRO A 130 4.42 -4.08 -15.33
N ARG A 131 4.48 -4.32 -14.02
CA ARG A 131 3.27 -4.81 -13.36
C ARG A 131 3.04 -4.09 -12.04
N ALA A 132 1.78 -3.92 -11.64
CA ALA A 132 1.48 -3.25 -10.35
C ALA A 132 1.98 -4.12 -9.20
N SER A 133 2.39 -3.48 -8.12
CA SER A 133 2.97 -4.13 -6.98
C SER A 133 2.08 -5.28 -6.44
N THR A 134 0.77 -5.22 -6.69
CA THR A 134 -0.12 -6.28 -6.24
C THR A 134 -0.73 -7.15 -7.37
N ASP A 135 -0.18 -7.07 -8.60
CA ASP A 135 -0.47 -8.03 -9.68
C ASP A 135 0.58 -9.13 -9.53
N ALA A 136 0.48 -10.15 -10.37
CA ALA A 136 1.53 -11.16 -10.51
C ALA A 136 1.81 -11.93 -9.22
N MET A 137 0.81 -12.11 -8.36
CA MET A 137 1.03 -12.79 -7.09
C MET A 137 1.16 -14.29 -7.26
N ILE A 138 0.62 -14.85 -8.36
CA ILE A 138 0.90 -16.23 -8.71
C ILE A 138 2.32 -16.37 -9.22
N THR A 139 2.70 -15.53 -10.19
CA THR A 139 4.07 -15.48 -10.70
C THR A 139 5.08 -15.44 -9.56
N TRP A 140 4.86 -14.54 -8.60
CA TRP A 140 5.85 -14.33 -7.58
C TRP A 140 5.80 -15.38 -6.49
N MET A 141 4.62 -15.66 -5.95
CA MET A 141 4.51 -16.43 -4.73
C MET A 141 4.45 -17.93 -5.01
N ILE A 142 4.09 -18.29 -6.24
CA ILE A 142 3.96 -19.68 -6.66
C ILE A 142 5.10 -20.10 -7.62
N THR A 143 5.12 -19.51 -8.82
CA THR A 143 6.01 -19.94 -9.89
C THR A 143 7.47 -19.61 -9.62
N ARG A 144 7.79 -18.34 -9.52
CA ARG A 144 9.17 -17.97 -9.28
C ARG A 144 9.64 -18.49 -7.96
N THR A 145 8.77 -18.50 -6.94
CA THR A 145 9.16 -19.03 -5.65
C THR A 145 9.54 -20.52 -5.80
N GLY A 146 8.65 -21.29 -6.42
CA GLY A 146 8.91 -22.71 -6.68
C GLY A 146 10.20 -22.93 -7.44
N PHE A 147 10.45 -22.12 -8.48
CA PHE A 147 11.67 -22.28 -9.26
C PHE A 147 12.91 -22.01 -8.40
N ALA A 148 12.82 -21.01 -7.53
CA ALA A 148 13.95 -20.63 -6.72
C ALA A 148 14.23 -21.70 -5.71
N LEU A 149 13.19 -22.29 -5.14
CA LEU A 149 13.37 -23.26 -4.09
C LEU A 149 13.78 -24.67 -4.62
N LEU A 150 13.37 -25.02 -5.84
CA LEU A 150 13.62 -26.34 -6.40
C LEU A 150 14.84 -26.39 -7.37
N TRP A 151 15.10 -25.28 -8.09
CA TRP A 151 16.22 -25.22 -9.02
C TRP A 151 17.03 -23.92 -8.86
N PRO A 152 17.62 -23.74 -7.67
CA PRO A 152 18.29 -22.46 -7.37
C PRO A 152 19.53 -22.14 -8.23
N HIS A 153 20.17 -23.15 -8.81
CA HIS A 153 21.37 -22.98 -9.62
C HIS A 153 21.02 -22.75 -11.11
N THR A 154 19.73 -22.70 -11.47
CA THR A 154 19.38 -22.57 -12.87
C THR A 154 18.87 -21.17 -13.19
N GLU A 155 18.61 -20.93 -14.47
CA GLU A 155 17.97 -19.71 -14.94
C GLU A 155 16.47 -19.62 -14.53
N LEU A 156 15.86 -20.72 -14.08
CA LEU A 156 14.41 -20.76 -13.96
C LEU A 156 13.81 -19.60 -13.14
N SER A 157 14.33 -19.35 -11.94
CA SER A 157 13.81 -18.28 -11.07
C SER A 157 14.17 -16.85 -11.52
N TRP A 158 15.05 -16.74 -12.51
CA TRP A 158 15.45 -15.45 -13.08
C TRP A 158 14.57 -15.01 -14.21
N ILE A 159 13.78 -15.93 -14.76
CA ILE A 159 12.89 -15.56 -15.85
C ILE A 159 11.82 -14.61 -15.32
N GLU A 160 11.60 -13.52 -16.03
CA GLU A 160 10.74 -12.46 -15.49
C GLU A 160 9.29 -12.83 -15.45
N GLN A 161 8.75 -13.33 -16.56
CA GLN A 161 7.34 -13.67 -16.62
C GLN A 161 7.12 -15.09 -17.09
N PRO A 162 7.41 -16.05 -16.20
CA PRO A 162 7.33 -17.47 -16.58
C PRO A 162 5.90 -17.95 -16.90
N LEU A 163 4.88 -17.19 -16.49
CA LEU A 163 3.49 -17.49 -16.84
C LEU A 163 2.96 -16.77 -18.06
N GLY A 164 3.77 -15.87 -18.62
CA GLY A 164 3.29 -15.02 -19.73
C GLY A 164 2.98 -15.84 -20.95
N GLY A 165 1.84 -15.54 -21.58
CA GLY A 165 1.44 -16.20 -22.80
C GLY A 165 1.89 -15.45 -24.07
N GLU A 166 2.76 -14.44 -23.91
CA GLU A 166 3.22 -13.68 -25.06
C GLU A 166 4.65 -14.12 -25.34
N LEU A 167 4.83 -14.75 -26.50
CA LEU A 167 6.11 -15.34 -26.82
C LEU A 167 6.31 -15.72 -28.29
N LEU A 168 7.57 -15.92 -28.67
CA LEU A 168 7.99 -16.35 -30.01
C LEU A 168 8.93 -17.53 -29.86
N MET A 169 8.73 -18.56 -30.67
CA MET A 169 9.61 -19.72 -30.67
C MET A 169 10.11 -19.96 -32.09
N ARG A 170 11.32 -20.48 -32.18
CA ARG A 170 11.84 -21.05 -33.42
C ARG A 170 11.12 -22.37 -33.69
N ARG A 171 10.91 -22.71 -34.97
CA ARG A 171 10.32 -24.02 -35.34
C ARG A 171 10.88 -25.18 -34.55
N GLU A 172 12.19 -25.26 -34.40
CA GLU A 172 12.75 -26.40 -33.70
C GLU A 172 12.33 -26.45 -32.23
N VAL A 173 12.11 -25.28 -31.62
CA VAL A 173 11.72 -25.22 -30.21
C VAL A 173 10.27 -25.69 -30.05
N ALA A 174 9.40 -25.18 -30.93
CA ALA A 174 8.01 -25.62 -31.01
C ALA A 174 7.87 -27.17 -31.22
N ALA A 175 8.69 -27.74 -32.11
CA ALA A 175 8.75 -29.20 -32.32
C ALA A 175 9.16 -29.91 -31.07
N MET A 176 10.21 -29.43 -30.42
CA MET A 176 10.63 -30.08 -29.22
C MET A 176 9.48 -30.09 -28.14
N LEU A 177 8.79 -28.96 -27.95
CA LEU A 177 7.72 -28.87 -26.94
C LEU A 177 6.49 -29.73 -27.32
N TYR A 178 6.13 -29.67 -28.59
CA TYR A 178 5.04 -30.45 -29.09
C TYR A 178 5.26 -31.97 -28.92
N GLU A 179 6.52 -32.41 -28.99
CA GLU A 179 6.89 -33.80 -28.85
C GLU A 179 7.06 -34.22 -27.41
N ASP A 180 7.01 -33.28 -26.50
CA ASP A 180 7.32 -33.62 -25.13
C ASP A 180 6.00 -33.93 -24.41
N GLU A 181 5.96 -35.13 -23.84
CA GLU A 181 4.72 -35.62 -23.30
C GLU A 181 4.30 -34.89 -22.01
N ARG A 182 5.26 -34.42 -21.21
CA ARG A 182 4.89 -33.59 -20.03
C ARG A 182 4.16 -32.32 -20.47
N VAL A 183 4.59 -31.75 -21.59
CA VAL A 183 3.99 -30.56 -22.13
C VAL A 183 2.64 -30.87 -22.77
N ARG A 184 2.57 -31.95 -23.56
CA ARG A 184 1.34 -32.33 -24.30
C ARG A 184 0.17 -32.59 -23.36
N ARG A 185 0.46 -33.16 -22.22
CA ARG A 185 -0.59 -33.47 -21.31
C ARG A 185 -1.13 -32.25 -20.51
N ARG A 186 -0.34 -31.16 -20.44
CA ARG A 186 -0.67 -30.00 -19.63
C ARG A 186 -1.71 -29.13 -20.31
N SER A 187 -2.94 -29.61 -20.32
CA SER A 187 -3.96 -28.97 -21.14
C SER A 187 -4.56 -27.78 -20.44
N ASP A 188 -4.20 -27.56 -19.19
CA ASP A 188 -4.85 -26.54 -18.40
C ASP A 188 -4.03 -25.21 -18.29
N TRP A 189 -4.12 -24.49 -17.17
CA TRP A 189 -3.37 -23.23 -16.97
C TRP A 189 -1.89 -23.50 -16.80
N GLY A 190 -1.53 -24.74 -16.51
CA GLY A 190 -0.14 -25.07 -16.35
C GLY A 190 0.72 -25.00 -17.62
N ILE A 191 0.13 -24.81 -18.79
CA ILE A 191 0.92 -24.92 -20.02
C ILE A 191 2.13 -23.95 -20.04
N ASP A 192 1.93 -22.70 -19.60
CA ASP A 192 2.99 -21.67 -19.67
C ASP A 192 4.16 -22.07 -18.80
N THR A 193 3.88 -22.56 -17.60
CA THR A 193 4.92 -23.09 -16.73
C THR A 193 5.72 -24.20 -17.42
N LEU A 194 5.01 -25.07 -18.12
CA LEU A 194 5.64 -26.19 -18.77
C LEU A 194 6.54 -25.71 -19.90
N TYR A 195 6.06 -24.80 -20.73
CA TYR A 195 6.87 -24.29 -21.84
C TYR A 195 8.13 -23.65 -21.26
N THR A 196 7.94 -22.84 -20.22
CA THR A 196 9.05 -22.19 -19.56
C THR A 196 10.04 -23.18 -19.03
N PHE A 197 9.57 -24.15 -18.27
CA PHE A 197 10.46 -25.09 -17.64
C PHE A 197 11.17 -25.95 -18.66
N VAL A 198 10.45 -26.44 -19.67
CA VAL A 198 11.05 -27.40 -20.58
C VAL A 198 12.09 -26.72 -21.49
N THR A 199 11.79 -25.53 -21.98
CA THR A 199 12.79 -24.78 -22.77
C THR A 199 14.07 -24.61 -21.96
N VAL A 200 13.96 -24.20 -20.69
CA VAL A 200 15.18 -24.02 -19.89
C VAL A 200 15.94 -25.33 -19.71
N GLN A 201 15.21 -26.40 -19.33
CA GLN A 201 15.80 -27.72 -19.08
C GLN A 201 16.54 -28.21 -20.33
N GLN A 202 16.00 -27.90 -21.50
CA GLN A 202 16.63 -28.29 -22.78
C GLN A 202 17.68 -27.29 -23.31
N GLY A 203 18.05 -26.28 -22.52
CA GLY A 203 19.13 -25.38 -22.89
C GLY A 203 18.79 -24.56 -24.11
N VAL A 204 17.51 -24.32 -24.33
CA VAL A 204 17.11 -23.37 -25.35
C VAL A 204 17.56 -21.99 -24.87
N SER A 205 17.97 -21.15 -25.81
CA SER A 205 18.43 -19.82 -25.45
C SER A 205 17.21 -18.88 -25.46
N ILE A 206 17.12 -18.02 -24.45
CA ILE A 206 15.95 -17.21 -24.15
C ILE A 206 16.27 -15.72 -24.06
N TYR A 207 15.54 -14.91 -24.81
CA TYR A 207 15.61 -13.49 -24.64
C TYR A 207 14.29 -12.94 -24.13
N GLU A 208 14.35 -12.00 -23.20
CA GLU A 208 13.11 -11.42 -22.71
C GLU A 208 13.00 -9.97 -23.16
N CYS A 209 12.09 -9.67 -24.06
CA CYS A 209 11.82 -8.30 -24.55
CA CYS A 209 11.93 -8.29 -24.47
C CYS A 209 10.93 -7.54 -23.59
N TYR A 210 11.30 -6.30 -23.28
CA TYR A 210 10.50 -5.44 -22.44
C TYR A 210 9.44 -4.72 -23.28
N ILE A 211 8.17 -4.82 -22.90
CA ILE A 211 7.11 -4.10 -23.62
C ILE A 211 6.58 -2.99 -22.69
N PRO A 212 6.96 -1.72 -22.97
CA PRO A 212 6.73 -0.63 -22.00
C PRO A 212 5.27 -0.24 -21.79
N GLU A 213 4.44 -0.33 -22.82
CA GLU A 213 3.01 -0.05 -22.64
C GLU A 213 2.31 -0.99 -21.65
N GLY A 214 2.87 -2.19 -21.42
CA GLY A 214 2.31 -3.14 -20.46
C GLY A 214 1.20 -3.92 -21.12
N LYS A 215 0.60 -4.85 -20.38
CA LYS A 215 -0.51 -5.68 -20.89
C LYS A 215 -1.78 -5.33 -20.13
N ALA A 216 -2.70 -4.66 -20.83
CA ALA A 216 -4.03 -4.38 -20.29
C ALA A 216 -5.00 -5.45 -20.84
N HIS A 217 -5.76 -6.10 -19.95
CA HIS A 217 -6.66 -7.22 -20.30
C HIS A 217 -8.09 -6.94 -19.79
N GLY A 221 -11.65 -7.72 -8.83
CA GLY A 221 -12.42 -8.48 -7.83
C GLY A 221 -11.55 -9.09 -6.72
N GLY A 222 -12.14 -9.97 -5.89
CA GLY A 222 -11.33 -10.73 -4.92
C GLY A 222 -10.19 -11.57 -5.56
N LEU A 223 -9.35 -12.16 -4.72
CA LEU A 223 -8.32 -13.09 -5.19
C LEU A 223 -8.90 -14.40 -5.82
N ASP A 224 -10.16 -14.73 -5.46
CA ASP A 224 -10.77 -16.02 -5.81
C ASP A 224 -11.14 -16.19 -7.29
N ASP A 225 -11.05 -15.07 -8.02
CA ASP A 225 -11.08 -15.06 -9.48
C ASP A 225 -9.91 -15.90 -10.01
N LEU A 226 -8.81 -15.95 -9.24
CA LEU A 226 -7.59 -16.60 -9.67
C LEU A 226 -7.46 -18.07 -9.16
N ARG A 227 -8.49 -18.61 -8.55
CA ARG A 227 -8.31 -19.84 -7.77
C ARG A 227 -7.96 -21.12 -8.59
N THR A 228 -8.63 -21.30 -9.72
CA THR A 228 -8.33 -22.38 -10.62
C THR A 228 -6.92 -22.15 -11.18
N MET A 229 -6.63 -20.92 -11.59
CA MET A 229 -5.32 -20.65 -12.14
C MET A 229 -4.23 -20.95 -11.12
N LEU A 230 -4.48 -20.57 -9.88
CA LEU A 230 -3.55 -20.78 -8.79
C LEU A 230 -3.32 -22.27 -8.59
N VAL A 231 -4.41 -23.02 -8.51
CA VAL A 231 -4.34 -24.48 -8.30
C VAL A 231 -3.54 -25.14 -9.41
N GLU A 232 -3.83 -24.78 -10.64
CA GLU A 232 -3.14 -25.39 -11.79
C GLU A 232 -1.69 -24.97 -11.98
N CYS A 233 -1.38 -23.70 -11.71
CA CYS A 233 0.03 -23.25 -11.71
C CYS A 233 0.82 -23.94 -10.59
N PHE A 234 0.21 -24.09 -9.42
CA PHE A 234 0.96 -24.75 -8.38
C PHE A 234 1.17 -26.25 -8.74
N ALA A 235 0.09 -26.92 -9.18
CA ALA A 235 0.18 -28.34 -9.61
C ALA A 235 1.28 -28.53 -10.65
N ALA A 236 1.42 -27.59 -11.57
CA ALA A 236 2.48 -27.69 -12.60
C ALA A 236 3.88 -27.76 -11.97
N ILE A 237 4.16 -26.89 -11.01
CA ILE A 237 5.44 -26.94 -10.34
C ILE A 237 5.57 -28.27 -9.59
N GLN A 238 4.51 -28.65 -8.90
CA GLN A 238 4.57 -29.86 -8.04
C GLN A 238 4.88 -31.06 -8.96
N SER A 239 4.32 -31.06 -10.16
CA SER A 239 4.46 -32.19 -11.07
C SER A 239 5.91 -32.32 -11.55
N LEU A 240 6.64 -31.21 -11.53
CA LEU A 240 7.99 -31.16 -12.06
C LEU A 240 9.01 -31.32 -10.97
N GLN A 241 8.58 -31.43 -9.71
CA GLN A 241 9.53 -31.25 -8.60
C GLN A 241 10.76 -32.20 -8.51
N HIS A 242 10.70 -33.38 -9.15
CA HIS A 242 11.85 -34.31 -9.00
C HIS A 242 12.74 -34.25 -10.23
N GLU A 243 12.35 -33.43 -11.20
CA GLU A 243 13.15 -33.19 -12.36
C GLU A 243 14.51 -32.59 -12.02
N VAL A 244 15.48 -32.91 -12.89
CA VAL A 244 16.86 -32.45 -12.80
C VAL A 244 17.12 -31.51 -13.96
N VAL A 245 17.78 -30.40 -13.69
CA VAL A 245 18.17 -29.49 -14.78
C VAL A 245 19.71 -29.51 -14.96
N GLY A 246 20.17 -30.29 -15.95
CA GLY A 246 21.59 -30.70 -16.04
C GLY A 246 22.52 -29.93 -17.00
N GLN A 247 22.02 -28.85 -17.60
CA GLN A 247 22.77 -28.12 -18.60
C GLN A 247 22.44 -26.62 -18.52
N PRO A 248 23.42 -25.73 -18.82
CA PRO A 248 23.13 -24.30 -18.69
C PRO A 248 22.24 -23.81 -19.83
N ALA A 249 21.85 -22.55 -19.80
CA ALA A 249 21.05 -21.95 -20.87
C ALA A 249 21.41 -20.46 -21.03
N ILE A 250 21.51 -19.97 -22.26
CA ILE A 250 21.71 -18.55 -22.47
C ILE A 250 20.40 -17.85 -22.19
N HIS A 251 20.46 -16.89 -21.28
CA HIS A 251 19.31 -16.10 -20.92
C HIS A 251 19.64 -14.62 -20.74
N ARG A 252 19.04 -13.77 -21.55
CA ARG A 252 19.27 -12.33 -21.43
C ARG A 252 17.93 -11.56 -21.42
N GLN A 253 17.91 -10.40 -20.76
CA GLN A 253 16.72 -9.53 -20.73
C GLN A 253 16.99 -8.10 -21.08
N GLU A 254 16.21 -7.58 -22.04
CA GLU A 254 16.13 -6.16 -22.27
C GLU A 254 16.03 -5.44 -20.93
N HIS A 255 16.91 -4.45 -20.72
CA HIS A 255 16.81 -3.57 -19.54
C HIS A 255 15.43 -2.95 -19.46
N PRO A 256 14.76 -3.05 -18.29
CA PRO A 256 13.38 -2.50 -18.19
C PRO A 256 13.37 -0.96 -18.08
N HIS A 257 12.33 -0.32 -18.60
CA HIS A 257 12.11 1.12 -18.37
C HIS A 257 11.58 1.34 -16.94
N ARG A 258 11.50 2.62 -16.56
CA ARG A 258 10.79 3.00 -15.35
C ARG A 258 9.35 2.56 -15.52
N VAL A 259 8.78 1.98 -14.47
CA VAL A 259 7.38 1.59 -14.52
C VAL A 259 6.55 2.87 -14.86
N PRO A 260 5.58 2.77 -15.80
CA PRO A 260 4.68 3.90 -16.06
C PRO A 260 3.81 4.21 -14.84
N VAL A 261 3.53 5.49 -14.62
CA VAL A 261 2.84 5.95 -13.44
C VAL A 261 1.45 5.31 -13.27
N HIS A 262 0.70 5.24 -14.36
CA HIS A 262 -0.65 4.67 -14.34
C HIS A 262 -0.65 3.16 -14.03
N ILE A 263 0.50 2.50 -14.17
CA ILE A 263 0.64 1.09 -13.80
C ILE A 263 1.12 0.93 -12.36
N ALA A 264 2.08 1.73 -11.95
CA ALA A 264 2.44 1.79 -10.55
C ALA A 264 1.26 2.18 -9.63
N GLU A 265 0.24 2.84 -10.19
CA GLU A 265 -0.88 3.33 -9.40
C GLU A 265 -2.16 2.55 -9.54
N ARG A 266 -2.07 1.28 -10.01
CA ARG A 266 -3.17 0.30 -10.02
C ARG A 266 -3.23 -0.50 -8.70
N VAL A 267 -4.46 -0.87 -8.26
CA VAL A 267 -4.59 -1.91 -7.20
C VAL A 267 -5.10 -3.19 -7.83
N GLY A 268 -4.46 -4.31 -7.48
CA GLY A 268 -4.58 -5.57 -8.21
C GLY A 268 -5.85 -6.34 -7.86
N TYR A 269 -6.40 -6.03 -6.67
CA TYR A 269 -7.51 -6.79 -6.15
C TYR A 269 -8.29 -6.00 -5.11
N ASP A 270 -9.52 -6.42 -4.85
CA ASP A 270 -10.39 -5.82 -3.85
C ASP A 270 -10.06 -6.42 -2.47
N VAL A 271 -9.42 -5.61 -1.62
CA VAL A 271 -8.91 -6.09 -0.35
C VAL A 271 -10.05 -6.55 0.55
N GLU A 272 -11.12 -5.75 0.65
CA GLU A 272 -12.22 -6.10 1.52
C GLU A 272 -12.78 -7.48 1.16
N ALA A 273 -13.04 -7.70 -0.12
CA ALA A 273 -13.65 -8.95 -0.60
C ALA A 273 -12.74 -10.12 -0.32
N THR A 274 -11.44 -9.88 -0.43
CA THR A 274 -10.45 -10.89 -0.23
C THR A 274 -10.40 -11.27 1.25
N LEU A 275 -10.52 -10.28 2.13
CA LEU A 275 -10.56 -10.56 3.57
C LEU A 275 -11.78 -11.39 3.93
N HIS A 276 -12.88 -11.09 3.28
CA HIS A 276 -14.15 -11.75 3.55
C HIS A 276 -14.06 -13.24 3.12
N ARG A 277 -13.60 -13.45 1.89
CA ARG A 277 -13.45 -14.77 1.29
C ARG A 277 -12.51 -15.71 2.10
N LEU A 278 -11.56 -15.10 2.78
CA LEU A 278 -10.67 -15.84 3.62
C LEU A 278 -11.45 -16.59 4.71
N MET A 279 -12.61 -16.07 5.10
CA MET A 279 -13.36 -16.62 6.23
C MET A 279 -14.44 -17.59 5.75
N GLN A 280 -14.53 -17.82 4.44
CA GLN A 280 -15.61 -18.61 3.83
C GLN A 280 -15.17 -19.99 3.34
N HIS A 281 -16.15 -20.84 3.00
CA HIS A 281 -15.89 -22.18 2.45
C HIS A 281 -14.95 -23.00 3.33
N TRP A 282 -15.05 -22.87 4.64
CA TRP A 282 -14.30 -23.77 5.54
C TRP A 282 -14.99 -25.13 5.67
N THR A 283 -14.21 -26.18 5.93
CA THR A 283 -14.75 -27.52 6.26
C THR A 283 -13.89 -28.18 7.33
N PRO A 284 -14.47 -29.09 8.13
CA PRO A 284 -13.63 -29.84 9.06
C PRO A 284 -12.40 -30.50 8.40
N ARG A 285 -12.47 -30.91 7.13
CA ARG A 285 -11.27 -31.54 6.51
C ARG A 285 -10.14 -30.51 6.36
N GLN A 286 -10.49 -29.33 5.85
CA GLN A 286 -9.53 -28.21 5.82
C GLN A 286 -8.92 -27.95 7.17
N VAL A 287 -9.75 -27.95 8.23
CA VAL A 287 -9.19 -27.71 9.58
C VAL A 287 -8.26 -28.84 9.95
N GLU A 288 -8.59 -30.08 9.58
CA GLU A 288 -7.73 -31.19 9.96
C GLU A 288 -6.42 -31.22 9.11
N LEU A 289 -6.53 -30.87 7.83
CA LEU A 289 -5.35 -30.79 6.93
C LEU A 289 -4.28 -29.82 7.41
N LEU A 290 -4.68 -28.77 8.13
CA LEU A 290 -3.70 -27.83 8.70
C LEU A 290 -2.73 -28.43 9.70
N GLU A 291 -3.07 -29.59 10.25
CA GLU A 291 -2.11 -30.26 11.18
C GLU A 291 -0.80 -30.63 10.46
N LEU A 292 -0.79 -30.68 9.12
CA LEU A 292 0.45 -30.90 8.36
C LEU A 292 1.44 -29.71 8.37
N PHE A 293 0.96 -28.53 8.73
CA PHE A 293 1.77 -27.33 8.59
C PHE A 293 2.49 -26.92 9.87
N THR A 294 3.42 -26.00 9.77
CA THR A 294 4.11 -25.52 10.96
C THR A 294 3.13 -24.80 11.90
N THR A 295 3.51 -24.73 13.18
CA THR A 295 2.64 -24.23 14.22
C THR A 295 2.05 -22.83 13.94
N PRO A 296 2.87 -21.83 13.56
CA PRO A 296 2.31 -20.47 13.34
C PRO A 296 1.31 -20.40 12.17
N VAL A 297 1.54 -21.23 11.15
CA VAL A 297 0.65 -21.28 9.98
C VAL A 297 -0.68 -21.99 10.30
N ARG A 298 -0.57 -23.08 11.04
CA ARG A 298 -1.75 -23.81 11.48
C ARG A 298 -2.59 -22.89 12.38
N GLU A 299 -1.97 -22.21 13.33
CA GLU A 299 -2.74 -21.32 14.20
C GLU A 299 -3.26 -20.09 13.49
N GLY A 300 -2.45 -19.54 12.60
CA GLY A 300 -2.85 -18.40 11.79
C GLY A 300 -4.06 -18.71 10.93
N LEU A 301 -4.02 -19.80 10.18
CA LEU A 301 -5.15 -20.14 9.36
C LEU A 301 -6.39 -20.53 10.16
N ARG A 302 -6.21 -21.24 11.28
CA ARG A 302 -7.33 -21.65 12.13
C ARG A 302 -8.05 -20.37 12.57
N THR A 303 -7.28 -19.33 12.92
CA THR A 303 -7.86 -18.03 13.26
C THR A 303 -8.77 -17.48 12.16
N CYS A 304 -8.38 -17.74 10.92
CA CYS A 304 -9.12 -17.22 9.78
C CYS A 304 -10.56 -17.71 9.72
N GLN A 305 -10.90 -18.77 10.47
CA GLN A 305 -12.33 -19.13 10.60
C GLN A 305 -13.16 -18.01 11.26
N ARG A 306 -12.51 -17.16 12.06
CA ARG A 306 -13.25 -16.14 12.84
C ARG A 306 -12.94 -14.72 12.41
N ARG A 307 -11.69 -14.47 12.00
CA ARG A 307 -11.28 -13.12 11.59
C ARG A 307 -10.06 -13.21 10.68
N PRO A 308 -9.87 -12.21 9.79
CA PRO A 308 -8.74 -12.30 8.84
C PRO A 308 -7.41 -12.24 9.58
N ALA A 309 -6.51 -13.19 9.32
CA ALA A 309 -5.22 -13.18 10.00
C ALA A 309 -4.18 -13.47 8.92
N PHE A 310 -3.06 -12.75 8.94
CA PHE A 310 -2.09 -12.89 7.88
C PHE A 310 -0.68 -12.41 8.24
N ASN A 311 -0.52 -11.66 9.32
CA ASN A 311 0.83 -11.25 9.77
C ASN A 311 1.80 -12.44 9.90
N PHE A 312 1.28 -13.62 10.28
CA PHE A 312 2.15 -14.77 10.46
C PHE A 312 2.81 -15.23 9.11
N MET A 313 2.19 -14.91 7.98
CA MET A 313 2.60 -15.50 6.74
C MET A 313 3.71 -14.70 6.07
N ASP A 314 4.85 -14.63 6.74
CA ASP A 314 5.98 -13.94 6.17
C ASP A 314 6.75 -14.88 5.21
N GLU A 315 7.89 -14.41 4.76
CA GLU A 315 8.69 -15.08 3.75
C GLU A 315 9.08 -16.50 4.13
N MET A 316 9.51 -16.65 5.38
CA MET A 316 10.01 -17.94 5.82
C MET A 316 8.86 -18.90 6.09
N ALA A 317 7.76 -18.37 6.59
CA ALA A 317 6.56 -19.16 6.85
C ALA A 317 6.01 -19.64 5.52
N TRP A 318 6.12 -18.80 4.50
CA TRP A 318 5.67 -19.18 3.19
C TRP A 318 6.55 -20.33 2.61
N ALA A 319 7.87 -20.26 2.78
CA ALA A 319 8.78 -21.31 2.27
C ALA A 319 8.44 -22.63 2.96
N ALA A 320 8.31 -22.59 4.29
CA ALA A 320 7.89 -23.78 5.08
C ALA A 320 6.57 -24.35 4.54
N THR A 321 5.61 -23.47 4.29
CA THR A 321 4.31 -23.87 3.77
C THR A 321 4.43 -24.49 2.39
N TYR A 322 5.23 -23.87 1.54
CA TYR A 322 5.44 -24.33 0.17
C TYR A 322 5.96 -25.79 0.17
N HIS A 323 6.89 -26.08 1.09
CA HIS A 323 7.45 -27.41 1.17
CA HIS A 323 7.48 -27.42 1.24
C HIS A 323 6.40 -28.45 1.57
N VAL A 324 5.57 -28.15 2.57
CA VAL A 324 4.51 -29.07 2.96
C VAL A 324 3.57 -29.29 1.79
N LEU A 325 3.21 -28.20 1.08
CA LEU A 325 2.30 -28.31 -0.04
C LEU A 325 2.89 -29.18 -1.18
N LEU A 326 4.17 -29.01 -1.47
CA LEU A 326 4.83 -29.83 -2.50
C LEU A 326 4.69 -31.33 -2.17
N GLU A 327 4.74 -31.62 -0.89
CA GLU A 327 4.68 -32.99 -0.41
C GLU A 327 3.23 -33.53 -0.36
N HIS A 328 2.27 -32.72 0.11
CA HIS A 328 0.95 -33.22 0.45
C HIS A 328 -0.24 -32.71 -0.39
N PHE A 329 -0.06 -31.64 -1.17
CA PHE A 329 -1.18 -31.04 -1.85
C PHE A 329 -1.68 -32.01 -2.93
N GLN A 330 -2.99 -32.15 -3.04
CA GLN A 330 -3.52 -33.02 -4.07
C GLN A 330 -4.40 -32.26 -5.04
N PRO A 331 -3.91 -32.06 -6.28
CA PRO A 331 -4.74 -31.47 -7.31
C PRO A 331 -6.03 -32.27 -7.46
N GLY A 332 -7.16 -31.57 -7.53
CA GLY A 332 -8.46 -32.20 -7.71
C GLY A 332 -9.19 -32.53 -6.42
N ASP A 333 -8.48 -32.52 -5.29
CA ASP A 333 -9.17 -32.62 -4.02
C ASP A 333 -9.68 -31.24 -3.59
N PRO A 334 -11.00 -31.09 -3.42
CA PRO A 334 -11.61 -29.76 -3.17
C PRO A 334 -11.09 -29.11 -1.89
N ASP A 335 -10.82 -29.91 -0.86
CA ASP A 335 -10.33 -29.33 0.35
C ASP A 335 -8.89 -28.86 0.21
N TRP A 336 -8.07 -29.63 -0.50
CA TRP A 336 -6.71 -29.19 -0.74
C TRP A 336 -6.72 -27.90 -1.57
N GLU A 337 -7.63 -27.85 -2.54
CA GLU A 337 -7.69 -26.72 -3.44
C GLU A 337 -8.03 -25.44 -2.67
N GLU A 338 -9.13 -25.51 -1.92
CA GLU A 338 -9.50 -24.42 -1.06
C GLU A 338 -8.41 -24.05 -0.02
N LEU A 339 -7.71 -25.04 0.52
CA LEU A 339 -6.71 -24.73 1.52
C LEU A 339 -5.53 -23.95 0.90
N LEU A 340 -5.10 -24.38 -0.28
CA LEU A 340 -4.01 -23.74 -0.97
C LEU A 340 -4.43 -22.26 -1.18
N PHE A 341 -5.64 -22.10 -1.70
CA PHE A 341 -6.19 -20.80 -1.96
C PHE A 341 -6.18 -19.90 -0.71
N LYS A 342 -6.52 -20.43 0.45
CA LYS A 342 -6.53 -19.62 1.65
C LYS A 342 -5.12 -19.30 2.11
N LEU A 343 -4.23 -20.28 1.97
CA LEU A 343 -2.88 -20.14 2.42
C LEU A 343 -2.19 -19.03 1.55
N TRP A 344 -2.42 -19.09 0.25
CA TRP A 344 -1.81 -18.16 -0.66
C TRP A 344 -2.38 -16.76 -0.43
N THR A 345 -3.68 -16.69 -0.18
CA THR A 345 -4.37 -15.45 0.18
C THR A 345 -3.72 -14.77 1.39
N THR A 346 -3.37 -15.55 2.43
CA THR A 346 -2.71 -14.94 3.58
C THR A 346 -1.30 -14.49 3.22
N ARG A 347 -0.67 -15.18 2.25
CA ARG A 347 0.64 -14.71 1.80
C ARG A 347 0.50 -13.40 1.02
N VAL A 348 -0.51 -13.34 0.15
CA VAL A 348 -0.74 -12.11 -0.58
C VAL A 348 -1.09 -10.93 0.37
N LEU A 349 -1.90 -11.16 1.40
CA LEU A 349 -2.30 -10.08 2.31
C LEU A 349 -1.11 -9.64 3.13
N ASN A 350 -0.33 -10.59 3.61
CA ASN A 350 0.88 -10.24 4.34
C ASN A 350 1.82 -9.35 3.52
N TYR A 351 2.05 -9.73 2.27
CA TYR A 351 2.89 -8.98 1.40
C TYR A 351 2.24 -7.61 1.10
N THR A 352 0.92 -7.58 0.85
CA THR A 352 0.22 -6.33 0.59
C THR A 352 0.35 -5.28 1.73
N MET A 353 0.16 -5.70 2.98
CA MET A 353 0.13 -4.79 4.13
C MET A 353 1.51 -4.47 4.66
N THR A 354 2.48 -5.37 4.49
CA THR A 354 3.80 -5.14 5.05
C THR A 354 4.84 -4.81 4.01
N VAL A 355 4.53 -4.94 2.73
CA VAL A 355 5.54 -4.65 1.73
C VAL A 355 4.98 -3.68 0.69
N ALA A 356 3.86 -4.03 0.06
CA ALA A 356 3.35 -3.20 -1.01
C ALA A 356 2.91 -1.81 -0.51
N LEU A 357 2.47 -1.70 0.75
CA LEU A 357 2.11 -0.40 1.33
C LEU A 357 3.31 0.56 1.40
N ARG A 358 4.52 -0.01 1.42
CA ARG A 358 5.73 0.78 1.50
C ARG A 358 6.19 1.35 0.15
N GLY A 359 5.45 1.09 -0.91
CA GLY A 359 5.85 1.62 -2.18
C GLY A 359 6.30 0.59 -3.21
N TYR A 360 5.99 0.89 -4.47
CA TYR A 360 6.39 0.12 -5.61
C TYR A 360 7.84 -0.29 -5.58
N ASP A 361 8.75 0.67 -5.40
CA ASP A 361 10.17 0.38 -5.42
C ASP A 361 10.55 -0.51 -4.28
N TYR A 362 10.02 -0.22 -3.11
CA TYR A 362 10.28 -1.06 -1.98
C TYR A 362 9.84 -2.53 -2.26
N ALA A 363 8.66 -2.68 -2.87
CA ALA A 363 8.03 -3.97 -3.19
C ALA A 363 8.86 -4.78 -4.20
N GLN A 364 9.24 -4.15 -5.31
CA GLN A 364 10.14 -4.79 -6.27
C GLN A 364 11.41 -5.29 -5.61
N GLN A 365 12.02 -4.44 -4.82
CA GLN A 365 13.25 -4.79 -4.17
C GLN A 365 13.07 -5.99 -3.22
N TYR A 366 11.99 -6.02 -2.46
CA TYR A 366 11.74 -7.10 -1.52
C TYR A 366 11.55 -8.41 -2.30
N LEU A 367 10.83 -8.35 -3.41
CA LEU A 367 10.52 -9.56 -4.17
C LEU A 367 11.78 -10.18 -4.78
N TYR A 368 12.65 -9.35 -5.36
CA TYR A 368 13.91 -9.87 -5.88
C TYR A 368 14.79 -10.47 -4.82
N ARG A 369 14.85 -9.83 -3.65
CA ARG A 369 15.65 -10.36 -2.54
C ARG A 369 15.00 -11.64 -2.01
N MET A 370 13.67 -11.71 -2.03
CA MET A 370 12.96 -12.90 -1.61
C MET A 370 13.47 -14.10 -2.41
N LEU A 371 13.48 -13.98 -3.75
CA LEU A 371 13.99 -15.04 -4.62
C LEU A 371 15.43 -15.38 -4.24
N GLY A 372 16.25 -14.35 -4.03
CA GLY A 372 17.67 -14.51 -3.68
C GLY A 372 17.82 -15.30 -2.39
N ARG A 373 17.00 -15.02 -1.38
CA ARG A 373 17.06 -15.79 -0.14
C ARG A 373 16.55 -17.21 -0.35
N TYR A 374 15.52 -17.37 -1.19
CA TYR A 374 14.99 -18.69 -1.40
C TYR A 374 16.05 -19.55 -2.09
N ARG A 375 16.74 -19.00 -3.10
CA ARG A 375 17.77 -19.76 -3.82
C ARG A 375 18.86 -20.18 -2.90
N TYR A 376 19.27 -19.26 -2.02
CA TYR A 376 20.38 -19.47 -1.12
C TYR A 376 19.99 -20.49 -0.08
N GLN A 377 18.78 -20.37 0.47
CA GLN A 377 18.26 -21.37 1.39
C GLN A 377 18.28 -22.78 0.71
N ALA A 378 17.81 -22.86 -0.52
CA ALA A 378 17.72 -24.15 -1.21
C ALA A 378 19.10 -24.71 -1.52
N ALA A 379 20.06 -23.82 -1.84
CA ALA A 379 21.39 -24.25 -2.25
C ALA A 379 22.25 -24.69 -1.08
N LEU A 380 21.94 -24.23 0.12
CA LEU A 380 22.66 -24.65 1.33
C LEU A 380 22.25 -26.06 1.84
N GLU A 381 20.95 -26.38 1.75
CA GLU A 381 20.38 -27.67 2.21
C GLU A 381 20.88 -28.90 1.40
N MET B 1 15.91 37.35 23.09
CA MET B 1 15.20 36.78 24.28
C MET B 1 14.47 35.55 23.77
N SER B 2 14.94 34.35 24.18
CA SER B 2 14.26 33.09 23.76
C SER B 2 14.23 31.90 24.75
N LEU B 3 13.01 31.49 25.13
CA LEU B 3 12.75 30.26 25.97
C LEU B 3 12.43 29.03 25.11
N VAL B 4 13.13 27.91 25.34
CA VAL B 4 12.79 26.64 24.69
C VAL B 4 12.16 25.65 25.69
N VAL B 5 10.95 25.16 25.36
CA VAL B 5 10.19 24.25 26.24
C VAL B 5 10.14 22.84 25.68
N PHE B 6 10.50 21.85 26.49
CA PHE B 6 10.24 20.44 26.20
C PHE B 6 9.26 19.88 27.24
N PRO B 7 7.96 19.76 26.90
CA PRO B 7 7.05 19.02 27.79
C PRO B 7 7.37 17.53 27.67
N PHE B 8 7.29 16.80 28.78
CA PHE B 8 7.62 15.38 28.75
C PHE B 8 6.73 14.54 29.68
N LYS B 9 6.78 13.24 29.48
CA LYS B 9 5.97 12.31 30.26
C LYS B 9 6.86 11.14 30.66
N HIS B 10 6.94 10.12 29.82
CA HIS B 10 7.67 8.88 30.13
C HIS B 10 8.77 8.56 29.12
N GLU B 11 9.18 9.56 28.35
CA GLU B 11 10.24 9.39 27.34
C GLU B 11 11.55 8.90 27.96
N HIS B 12 12.35 8.17 27.17
CA HIS B 12 13.70 7.79 27.62
C HIS B 12 14.56 9.05 27.92
N PRO B 13 15.26 9.09 29.08
CA PRO B 13 16.01 10.29 29.46
C PRO B 13 17.11 10.75 28.49
N GLU B 14 17.72 9.83 27.73
CA GLU B 14 18.87 10.20 26.88
C GLU B 14 18.50 11.04 25.62
N VAL B 15 17.44 10.65 24.92
CA VAL B 15 16.86 11.46 23.82
C VAL B 15 16.46 12.86 24.31
N LEU B 16 15.74 12.93 25.41
CA LEU B 16 15.34 14.22 25.96
C LEU B 16 16.54 15.05 26.38
N LEU B 17 17.48 14.43 27.08
CA LEU B 17 18.68 15.15 27.54
C LEU B 17 19.60 15.58 26.40
N HIS B 18 19.66 14.77 25.33
CA HIS B 18 20.42 15.17 24.14
C HIS B 18 19.84 16.46 23.55
N ASN B 19 18.51 16.50 23.45
CA ASN B 19 17.81 17.65 22.92
C ASN B 19 17.93 18.86 23.83
N VAL B 20 17.96 18.63 25.14
CA VAL B 20 18.07 19.76 26.07
C VAL B 20 19.43 20.42 25.88
N ARG B 21 20.46 19.58 25.75
CA ARG B 21 21.84 20.00 25.51
C ARG B 21 21.94 20.84 24.24
N VAL B 22 21.34 20.38 23.15
CA VAL B 22 21.33 21.11 21.88
C VAL B 22 20.71 22.50 22.05
N ALA B 23 19.54 22.55 22.66
CA ALA B 23 18.82 23.81 22.85
C ALA B 23 19.60 24.82 23.70
N ALA B 24 20.25 24.34 24.76
CA ALA B 24 20.92 25.25 25.69
C ALA B 24 22.27 25.78 25.12
N ALA B 25 22.91 24.93 24.31
CA ALA B 25 24.13 25.30 23.59
C ALA B 25 23.86 26.34 22.49
N HIS B 26 22.62 26.39 22.00
CA HIS B 26 22.24 27.33 20.96
C HIS B 26 22.43 28.80 21.39
N PRO B 27 23.12 29.61 20.55
CA PRO B 27 23.49 30.99 20.87
C PRO B 27 22.30 31.88 21.12
N ARG B 28 21.15 31.54 20.51
CA ARG B 28 19.95 32.38 20.60
C ARG B 28 18.98 31.99 21.73
N VAL B 29 19.29 30.90 22.43
CA VAL B 29 18.41 30.42 23.49
C VAL B 29 18.92 30.89 24.85
N HIS B 30 18.06 31.59 25.59
CA HIS B 30 18.47 32.12 26.90
C HIS B 30 18.10 31.25 28.12
N GLU B 31 17.07 30.40 27.98
CA GLU B 31 16.65 29.46 29.02
C GLU B 31 15.97 28.22 28.43
N VAL B 32 16.20 27.06 29.03
CA VAL B 32 15.50 25.82 28.65
C VAL B 32 14.57 25.39 29.77
N LEU B 33 13.33 25.06 29.45
CA LEU B 33 12.37 24.60 30.45
C LEU B 33 11.83 23.21 30.09
N CYS B 34 11.88 22.28 31.05
CA CYS B 34 11.27 20.96 30.88
C CYS B 34 10.06 20.84 31.78
N ILE B 35 8.89 20.51 31.22
CA ILE B 35 7.66 20.37 31.99
C ILE B 35 7.30 18.92 32.08
N GLY B 36 7.38 18.37 33.29
CA GLY B 36 7.15 16.93 33.50
C GLY B 36 5.70 16.68 33.85
N TYR B 37 5.21 15.54 33.38
CA TYR B 37 3.89 15.07 33.72
C TYR B 37 3.75 14.83 35.24
N GLU B 38 4.70 14.12 35.83
CA GLU B 38 4.71 13.79 37.24
C GLU B 38 6.15 13.51 37.64
N ARG B 39 6.38 13.25 38.93
CA ARG B 39 7.72 12.87 39.40
C ARG B 39 8.06 11.42 39.13
N ASP B 40 8.31 11.07 37.88
CA ASP B 40 8.64 9.71 37.53
C ASP B 40 10.15 9.50 37.35
N GLN B 41 10.53 8.36 36.75
CA GLN B 41 11.94 8.04 36.46
C GLN B 41 12.58 9.09 35.55
N THR B 42 11.87 9.42 34.47
CA THR B 42 12.32 10.43 33.54
C THR B 42 12.57 11.76 34.24
N TYR B 43 11.64 12.19 35.08
CA TYR B 43 11.76 13.47 35.79
C TYR B 43 12.96 13.53 36.71
N GLU B 44 13.31 12.39 37.30
CA GLU B 44 14.41 12.38 38.26
C GLU B 44 15.74 12.50 37.53
N ALA B 45 15.86 11.75 36.42
CA ALA B 45 17.03 11.78 35.54
C ALA B 45 17.25 13.18 34.97
N VAL B 46 16.17 13.85 34.56
CA VAL B 46 16.23 15.23 34.08
C VAL B 46 16.69 16.19 35.19
N GLU B 47 16.10 16.08 36.37
CA GLU B 47 16.47 16.97 37.48
C GLU B 47 17.91 16.76 37.96
N ARG B 48 18.42 15.54 37.82
CA ARG B 48 19.84 15.28 38.14
C ARG B 48 20.81 15.89 37.11
N ALA B 49 20.51 15.68 35.83
CA ALA B 49 21.33 16.18 34.74
C ALA B 49 21.32 17.70 34.56
N ALA B 50 20.25 18.36 35.00
CA ALA B 50 20.06 19.81 34.77
C ALA B 50 21.20 20.73 35.22
N PRO B 51 21.51 20.79 36.53
CA PRO B 51 22.51 21.80 36.94
C PRO B 51 23.85 21.71 36.17
N GLU B 52 24.26 20.49 35.83
CA GLU B 52 25.46 20.24 35.03
C GLU B 52 25.35 20.79 33.60
N ILE B 53 24.17 20.72 33.01
CA ILE B 53 23.97 21.28 31.66
C ILE B 53 23.94 22.80 31.72
N SER B 54 23.37 23.38 32.78
CA SER B 54 23.47 24.83 32.98
C SER B 54 24.92 25.31 33.05
N ARG B 55 25.78 24.57 33.75
CA ARG B 55 27.19 24.94 33.93
C ARG B 55 27.95 24.77 32.60
N ALA B 56 27.80 23.61 31.95
CA ALA B 56 28.51 23.36 30.68
C ALA B 56 28.19 24.36 29.54
N THR B 57 27.04 25.04 29.61
CA THR B 57 26.55 25.84 28.50
C THR B 57 26.30 27.28 28.92
N GLY B 58 26.31 27.52 30.22
CA GLY B 58 26.02 28.85 30.76
C GLY B 58 24.58 29.32 30.57
N THR B 59 23.70 28.40 30.21
CA THR B 59 22.28 28.71 30.03
C THR B 59 21.44 28.03 31.14
N PRO B 60 20.53 28.77 31.79
CA PRO B 60 19.68 28.12 32.82
C PRO B 60 18.73 27.05 32.26
N VAL B 61 18.84 25.82 32.80
CA VAL B 61 17.92 24.71 32.49
C VAL B 61 17.02 24.41 33.69
N SER B 62 15.77 24.87 33.66
CA SER B 62 14.81 24.65 34.75
C SER B 62 13.91 23.41 34.53
N VAL B 63 13.55 22.72 35.62
CA VAL B 63 12.58 21.63 35.55
C VAL B 63 11.38 21.96 36.40
N ARG B 64 10.17 21.73 35.88
CA ARG B 64 8.95 21.88 36.65
C ARG B 64 7.92 20.81 36.30
N LEU B 65 6.86 20.76 37.11
CA LEU B 65 5.82 19.78 36.98
C LEU B 65 4.63 20.47 36.36
N GLN B 66 3.93 19.78 35.46
CA GLN B 66 2.74 20.39 34.90
C GLN B 66 1.73 20.66 36.00
N GLU B 67 1.11 21.83 35.90
CA GLU B 67 0.03 22.22 36.79
C GLU B 67 -1.33 21.82 36.21
N ARG B 68 -2.37 21.89 37.02
CA ARG B 68 -3.68 21.51 36.56
C ARG B 68 -4.36 22.81 36.23
N LEU B 69 -4.36 23.18 34.96
CA LEU B 69 -4.90 24.47 34.55
C LEU B 69 -6.22 24.32 33.79
N GLY B 70 -6.44 23.15 33.17
CA GLY B 70 -7.65 22.94 32.38
C GLY B 70 -8.72 22.09 33.05
N THR B 71 -9.78 21.77 32.32
CA THR B 71 -10.92 21.04 32.88
C THR B 71 -11.24 19.72 32.17
N LEU B 72 -10.31 19.21 31.36
CA LEU B 72 -10.50 17.94 30.65
C LEU B 72 -9.49 16.92 31.20
N ARG B 73 -9.19 15.86 30.44
CA ARG B 73 -8.15 14.95 30.88
C ARG B 73 -6.86 15.74 31.13
N PRO B 74 -6.15 15.44 32.23
CA PRO B 74 -4.94 16.21 32.48
C PRO B 74 -3.80 15.73 31.61
N GLY B 75 -3.56 16.40 30.47
CA GLY B 75 -2.57 15.90 29.54
C GLY B 75 -1.69 16.97 28.95
N LYS B 76 -1.43 16.84 27.65
CA LYS B 76 -0.54 17.75 26.95
C LYS B 76 -0.93 19.22 27.15
N GLY B 77 -2.22 19.52 27.08
CA GLY B 77 -2.70 20.89 27.26
C GLY B 77 -2.19 21.56 28.53
N ASP B 78 -2.33 20.85 29.66
CA ASP B 78 -1.85 21.33 30.94
C ASP B 78 -0.36 21.54 30.90
N GLY B 79 0.36 20.57 30.34
CA GLY B 79 1.80 20.68 30.18
C GLY B 79 2.18 21.94 29.41
N MET B 80 1.54 22.20 28.27
CA MET B 80 1.97 23.33 27.44
C MET B 80 1.52 24.64 28.07
N ASN B 81 0.28 24.68 28.56
CA ASN B 81 -0.22 25.88 29.22
C ASN B 81 0.55 26.22 30.50
N THR B 82 1.09 25.21 31.20
CA THR B 82 1.95 25.48 32.35
C THR B 82 3.21 26.21 31.89
N ALA B 83 3.84 25.71 30.81
CA ALA B 83 4.98 26.40 30.20
C ALA B 83 4.63 27.84 29.76
N LEU B 84 3.42 28.05 29.25
CA LEU B 84 3.03 29.41 28.92
C LEU B 84 2.95 30.29 30.18
N ARG B 85 2.32 29.78 31.23
CA ARG B 85 2.19 30.52 32.49
C ARG B 85 3.57 30.94 32.99
N TYR B 86 4.53 30.05 32.90
CA TYR B 86 5.84 30.32 33.43
C TYR B 86 6.56 31.37 32.59
N PHE B 87 6.41 31.25 31.27
CA PHE B 87 7.09 32.08 30.30
C PHE B 87 6.66 33.51 30.52
N LEU B 88 5.34 33.66 30.73
CA LEU B 88 4.69 34.93 30.91
C LEU B 88 4.87 35.55 32.31
N GLU B 89 5.03 34.72 33.35
CA GLU B 89 4.94 35.22 34.71
C GLU B 89 6.25 35.22 35.47
N GLU B 90 7.22 34.46 35.00
CA GLU B 90 8.48 34.30 35.70
C GLU B 90 9.69 34.48 34.80
N THR B 91 9.44 35.00 33.60
CA THR B 91 10.49 35.44 32.68
C THR B 91 10.07 36.68 31.93
N GLN B 92 11.08 37.30 31.30
CA GLN B 92 10.83 38.45 30.45
C GLN B 92 11.19 38.15 28.98
N TRP B 93 11.50 36.89 28.68
CA TRP B 93 11.86 36.46 27.30
C TRP B 93 10.79 36.79 26.26
N GLU B 94 11.24 37.10 25.04
CA GLU B 94 10.32 37.63 24.02
C GLU B 94 9.73 36.55 23.11
N ARG B 95 10.34 35.37 23.12
CA ARG B 95 9.94 34.26 22.28
C ARG B 95 9.96 32.94 23.01
N ILE B 96 8.97 32.09 22.71
CA ILE B 96 8.92 30.76 23.26
C ILE B 96 8.86 29.72 22.14
N HIS B 97 9.74 28.72 22.26
CA HIS B 97 9.70 27.52 21.43
C HIS B 97 9.09 26.36 22.20
N PHE B 98 8.38 25.50 21.50
CA PHE B 98 8.02 24.19 22.02
C PHE B 98 8.57 23.13 21.11
N TYR B 99 9.17 22.09 21.70
CA TYR B 99 9.55 20.88 20.96
C TYR B 99 9.11 19.64 21.74
N ASP B 100 8.64 18.61 21.05
CA ASP B 100 8.38 17.32 21.69
C ASP B 100 9.68 16.76 22.26
N ALA B 101 9.59 16.20 23.47
CA ALA B 101 10.69 15.56 24.18
C ALA B 101 11.49 14.52 23.39
N ASP B 102 10.85 13.78 22.49
CA ASP B 102 11.50 12.64 21.84
C ASP B 102 11.84 12.72 20.33
N ILE B 103 11.99 13.92 19.78
CA ILE B 103 12.41 14.08 18.38
C ILE B 103 13.88 13.66 18.23
N THR B 104 14.15 12.66 17.38
CA THR B 104 15.51 12.05 17.32
C THR B 104 16.46 12.71 16.33
N SER B 105 15.91 13.67 15.60
CA SER B 105 16.57 14.32 14.49
C SER B 105 16.86 15.80 14.83
N PHE B 106 16.79 16.11 16.11
CA PHE B 106 16.89 17.47 16.58
C PHE B 106 18.31 18.00 16.40
N GLY B 107 18.42 19.22 15.89
CA GLY B 107 19.70 19.90 15.77
C GLY B 107 19.49 21.39 15.96
N PRO B 108 20.59 22.18 15.98
CA PRO B 108 20.47 23.64 16.11
C PRO B 108 19.66 24.30 14.98
N ASP B 109 19.59 23.62 13.83
CA ASP B 109 18.86 24.11 12.68
C ASP B 109 17.36 24.29 12.96
N TRP B 110 16.77 23.41 13.77
CA TRP B 110 15.35 23.58 14.11
C TRP B 110 15.15 24.93 14.78
N ILE B 111 16.14 25.34 15.60
CA ILE B 111 16.01 26.56 16.37
C ILE B 111 16.35 27.78 15.52
N THR B 112 17.43 27.67 14.75
CA THR B 112 17.87 28.76 13.90
C THR B 112 16.78 29.13 12.90
N LYS B 113 16.26 28.13 12.19
CA LYS B 113 15.23 28.40 11.16
C LYS B 113 14.00 29.09 11.72
N ALA B 114 13.57 28.66 12.92
CA ALA B 114 12.42 29.27 13.58
C ALA B 114 12.74 30.70 14.02
N GLU B 115 13.92 30.90 14.63
CA GLU B 115 14.32 32.23 15.09
C GLU B 115 14.40 33.24 13.92
N GLU B 116 15.00 32.78 12.81
CA GLU B 116 15.07 33.56 11.56
C GLU B 116 13.72 33.95 10.97
N ALA B 117 12.73 33.06 11.05
CA ALA B 117 11.41 33.41 10.54
C ALA B 117 10.72 34.44 11.46
N ALA B 118 10.96 34.36 12.76
CA ALA B 118 10.42 35.36 13.69
C ALA B 118 11.06 36.76 13.45
N ASP B 119 12.38 36.77 13.26
CA ASP B 119 13.14 37.97 12.90
C ASP B 119 12.51 38.66 11.69
N PHE B 120 12.05 37.82 10.77
CA PHE B 120 11.35 38.24 9.60
C PHE B 120 10.03 38.93 9.94
N GLY B 121 9.44 38.63 11.10
CA GLY B 121 8.18 39.28 11.48
C GLY B 121 6.98 38.43 11.89
N TYR B 122 7.04 37.12 11.68
CA TYR B 122 5.84 36.28 11.93
C TYR B 122 5.50 36.14 13.41
N GLY B 123 4.21 36.06 13.71
CA GLY B 123 3.76 35.85 15.09
C GLY B 123 3.95 34.40 15.52
N LEU B 124 3.76 33.48 14.57
CA LEU B 124 3.78 32.05 14.89
C LEU B 124 4.58 31.33 13.85
N VAL B 125 5.53 30.54 14.29
CA VAL B 125 6.25 29.66 13.41
C VAL B 125 5.94 28.20 13.72
N ARG B 126 5.39 27.45 12.77
CA ARG B 126 5.19 26.01 12.94
C ARG B 126 6.17 25.23 12.09
N HIS B 127 6.79 24.22 12.66
CA HIS B 127 7.55 23.28 11.85
C HIS B 127 6.65 22.22 11.24
N TYR B 128 7.03 21.72 10.07
CA TYR B 128 6.32 20.63 9.43
C TYR B 128 7.32 19.73 8.73
N PHE B 129 6.96 18.45 8.60
CA PHE B 129 7.88 17.34 8.26
C PHE B 129 7.25 16.44 7.24
N PRO B 130 8.08 15.73 6.50
CA PRO B 130 7.53 14.72 5.60
C PRO B 130 6.92 13.61 6.47
N ARG B 131 5.83 13.03 6.01
CA ARG B 131 5.17 11.96 6.76
C ARG B 131 4.73 10.84 5.82
N ALA B 132 4.69 9.63 6.35
CA ALA B 132 4.36 8.47 5.54
C ALA B 132 2.86 8.53 5.18
N SER B 133 2.48 7.85 4.11
CA SER B 133 1.12 7.98 3.62
C SER B 133 0.07 7.41 4.63
N THR B 134 0.51 6.56 5.54
CA THR B 134 -0.41 6.06 6.56
C THR B 134 -0.22 6.68 7.95
N ASP B 135 0.67 7.66 8.06
CA ASP B 135 0.77 8.50 9.25
C ASP B 135 -0.25 9.60 9.07
N ALA B 136 -0.39 10.43 10.11
CA ALA B 136 -1.14 11.67 10.09
C ALA B 136 -2.62 11.50 9.78
N MET B 137 -3.19 10.38 10.18
CA MET B 137 -4.59 10.11 9.85
C MET B 137 -5.61 10.94 10.66
N ILE B 138 -5.19 11.45 11.82
CA ILE B 138 -6.04 12.33 12.57
C ILE B 138 -5.91 13.71 11.94
N THR B 139 -4.68 14.14 11.68
CA THR B 139 -4.43 15.38 10.99
C THR B 139 -5.31 15.53 9.74
N TRP B 140 -5.25 14.53 8.85
CA TRP B 140 -6.02 14.58 7.61
C TRP B 140 -7.51 14.34 7.79
N MET B 141 -7.90 13.27 8.47
CA MET B 141 -9.30 12.83 8.44
C MET B 141 -10.14 13.54 9.50
N ILE B 142 -9.50 14.07 10.53
CA ILE B 142 -10.22 14.77 11.55
C ILE B 142 -9.96 16.30 11.53
N THR B 143 -8.73 16.72 11.77
CA THR B 143 -8.44 18.14 11.93
C THR B 143 -8.52 18.93 10.64
N ARG B 144 -7.67 18.60 9.66
CA ARG B 144 -7.76 19.34 8.38
C ARG B 144 -9.11 19.19 7.74
N THR B 145 -9.73 18.01 7.86
CA THR B 145 -11.07 17.81 7.28
C THR B 145 -12.07 18.76 7.94
N GLY B 146 -12.03 18.84 9.28
CA GLY B 146 -12.96 19.72 9.96
C GLY B 146 -12.74 21.18 9.59
N PHE B 147 -11.47 21.61 9.62
CA PHE B 147 -11.15 22.97 9.25
C PHE B 147 -11.71 23.27 7.84
N ALA B 148 -11.64 22.28 6.94
CA ALA B 148 -12.09 22.51 5.56
C ALA B 148 -13.60 22.60 5.46
N LEU B 149 -14.31 21.78 6.24
CA LEU B 149 -15.75 21.76 6.15
C LEU B 149 -16.41 22.86 6.97
N LEU B 150 -15.70 23.38 7.96
CA LEU B 150 -16.29 24.41 8.80
C LEU B 150 -15.85 25.84 8.44
N TRP B 151 -14.57 26.02 8.07
CA TRP B 151 -14.04 27.34 7.71
C TRP B 151 -13.29 27.30 6.37
N PRO B 152 -14.02 27.03 5.29
CA PRO B 152 -13.41 26.84 3.96
C PRO B 152 -12.74 28.11 3.39
N HIS B 153 -13.16 29.29 3.85
CA HIS B 153 -12.65 30.53 3.28
C HIS B 153 -11.42 30.95 4.03
N THR B 154 -11.09 30.24 5.11
CA THR B 154 -9.92 30.64 5.92
C THR B 154 -8.66 29.89 5.57
N GLU B 155 -7.56 30.27 6.23
CA GLU B 155 -6.27 29.58 6.16
C GLU B 155 -6.22 28.23 6.92
N LEU B 156 -7.25 27.93 7.73
CA LEU B 156 -7.18 26.83 8.70
C LEU B 156 -6.84 25.49 8.02
N SER B 157 -7.59 25.12 7.00
CA SER B 157 -7.39 23.83 6.38
C SER B 157 -6.12 23.77 5.56
N TRP B 158 -5.44 24.91 5.42
CA TRP B 158 -4.19 25.01 4.61
C TRP B 158 -2.99 24.81 5.46
N ILE B 159 -3.16 24.87 6.79
CA ILE B 159 -2.05 24.62 7.69
C ILE B 159 -1.63 23.14 7.63
N GLU B 160 -0.33 22.89 7.51
CA GLU B 160 0.21 21.55 7.26
C GLU B 160 0.17 20.62 8.47
N GLN B 161 0.69 21.09 9.60
CA GLN B 161 0.60 20.26 10.78
C GLN B 161 -0.07 20.96 11.95
N PRO B 162 -1.40 21.07 11.88
CA PRO B 162 -2.09 21.80 12.95
C PRO B 162 -1.99 21.10 14.31
N LEU B 163 -1.59 19.83 14.32
CA LEU B 163 -1.52 19.05 15.56
C LEU B 163 -0.12 19.04 16.05
N GLY B 164 0.80 19.61 15.28
CA GLY B 164 2.23 19.53 15.61
C GLY B 164 2.62 20.32 16.87
N GLY B 165 3.46 19.71 17.70
CA GLY B 165 3.94 20.34 18.92
C GLY B 165 5.32 20.98 18.77
N GLU B 166 5.74 21.23 17.52
CA GLU B 166 6.99 21.93 17.30
C GLU B 166 6.64 23.31 16.72
N LEU B 167 6.88 24.36 17.51
CA LEU B 167 6.45 25.70 17.12
C LEU B 167 7.13 26.79 17.95
N LEU B 168 7.05 28.03 17.45
CA LEU B 168 7.57 29.20 18.13
C LEU B 168 6.51 30.30 18.14
N MET B 169 6.33 30.96 19.29
CA MET B 169 5.41 32.07 19.41
C MET B 169 6.15 33.31 19.88
N ARG B 170 5.69 34.48 19.42
CA ARG B 170 6.09 35.77 20.03
C ARG B 170 5.43 35.93 21.38
N ARG B 171 6.06 36.68 22.29
CA ARG B 171 5.43 36.89 23.60
C ARG B 171 3.94 37.26 23.50
N GLU B 172 3.57 38.20 22.62
CA GLU B 172 2.16 38.69 22.62
C GLU B 172 1.13 37.66 22.15
N VAL B 173 1.59 36.72 21.31
CA VAL B 173 0.77 35.60 20.87
C VAL B 173 0.59 34.62 22.02
N ALA B 174 1.69 34.31 22.71
CA ALA B 174 1.64 33.45 23.89
C ALA B 174 0.68 34.03 24.93
N ALA B 175 0.85 35.32 25.25
CA ALA B 175 -0.06 36.01 26.21
C ALA B 175 -1.52 35.90 25.81
N MET B 176 -1.82 36.17 24.55
CA MET B 176 -3.20 36.11 24.05
C MET B 176 -3.79 34.69 24.20
N LEU B 177 -2.98 33.66 23.91
CA LEU B 177 -3.39 32.26 24.04
C LEU B 177 -3.57 31.84 25.49
N TYR B 178 -2.60 32.17 26.36
CA TYR B 178 -2.73 31.86 27.79
C TYR B 178 -4.00 32.49 28.40
N GLU B 179 -4.34 33.70 27.94
CA GLU B 179 -5.49 34.45 28.42
C GLU B 179 -6.83 33.92 27.90
N ASP B 180 -6.81 33.16 26.82
CA ASP B 180 -8.05 32.69 26.22
C ASP B 180 -8.56 31.47 27.01
N GLU B 181 -9.79 31.53 27.49
CA GLU B 181 -10.35 30.45 28.34
C GLU B 181 -10.62 29.15 27.58
N ARG B 182 -10.99 29.24 26.30
CA ARG B 182 -11.15 28.07 25.41
C ARG B 182 -9.87 27.27 25.35
N VAL B 183 -8.74 27.97 25.40
CA VAL B 183 -7.42 27.36 25.31
C VAL B 183 -6.97 26.85 26.68
N ARG B 184 -7.22 27.66 27.73
CA ARG B 184 -6.74 27.33 29.07
C ARG B 184 -7.42 26.05 29.53
N ARG B 185 -8.66 25.87 29.11
CA ARG B 185 -9.40 24.72 29.56
C ARG B 185 -8.99 23.39 28.82
N ARG B 186 -8.41 23.50 27.62
CA ARG B 186 -8.06 22.32 26.80
C ARG B 186 -6.82 21.63 27.30
N SER B 187 -6.99 20.86 28.37
CA SER B 187 -5.87 20.27 29.10
C SER B 187 -5.37 18.99 28.48
N ASP B 188 -6.10 18.50 27.46
CA ASP B 188 -5.81 17.19 26.87
C ASP B 188 -5.10 17.29 25.50
N TRP B 189 -5.30 16.30 24.60
CA TRP B 189 -4.67 16.34 23.28
C TRP B 189 -5.19 17.47 22.39
N GLY B 190 -6.32 18.06 22.73
CA GLY B 190 -6.91 19.13 21.93
C GLY B 190 -6.15 20.46 21.91
N ILE B 191 -5.18 20.61 22.80
CA ILE B 191 -4.48 21.87 22.89
C ILE B 191 -3.88 22.35 21.54
N ASP B 192 -3.29 21.45 20.74
CA ASP B 192 -2.65 21.89 19.51
C ASP B 192 -3.68 22.48 18.54
N THR B 193 -4.84 21.81 18.46
CA THR B 193 -5.97 22.29 17.70
C THR B 193 -6.39 23.70 18.14
N LEU B 194 -6.44 23.91 19.45
CA LEU B 194 -6.86 25.19 20.02
C LEU B 194 -5.86 26.32 19.71
N TYR B 195 -4.57 26.07 19.96
CA TYR B 195 -3.52 26.96 19.54
C TYR B 195 -3.62 27.33 18.03
N THR B 196 -3.77 26.33 17.17
CA THR B 196 -3.83 26.56 15.75
C THR B 196 -5.04 27.41 15.40
N PHE B 197 -6.17 27.06 15.98
CA PHE B 197 -7.39 27.76 15.66
C PHE B 197 -7.36 29.22 16.16
N VAL B 198 -6.95 29.43 17.40
CA VAL B 198 -7.15 30.73 17.99
C VAL B 198 -6.17 31.71 17.36
N THR B 199 -4.94 31.28 17.12
CA THR B 199 -4.02 32.12 16.41
C THR B 199 -4.59 32.53 15.05
N VAL B 200 -5.13 31.59 14.28
CA VAL B 200 -5.72 32.00 13.01
C VAL B 200 -6.88 32.96 13.22
N GLN B 201 -7.78 32.61 14.14
CA GLN B 201 -8.96 33.44 14.38
C GLN B 201 -8.57 34.90 14.71
N GLN B 202 -7.46 35.06 15.42
CA GLN B 202 -6.98 36.38 15.79
C GLN B 202 -6.04 37.06 14.78
N GLY B 203 -5.96 36.54 13.56
CA GLY B 203 -5.14 37.18 12.53
C GLY B 203 -3.64 37.21 12.81
N VAL B 204 -3.13 36.27 13.62
CA VAL B 204 -1.68 36.12 13.81
C VAL B 204 -1.09 35.62 12.49
N SER B 205 0.07 36.15 12.12
CA SER B 205 0.67 35.78 10.87
C SER B 205 1.49 34.52 11.12
N ILE B 206 1.35 33.55 10.22
CA ILE B 206 1.95 32.24 10.42
C ILE B 206 2.94 31.89 9.31
N TYR B 207 4.11 31.42 9.70
CA TYR B 207 5.04 30.81 8.80
C TYR B 207 5.28 29.32 9.16
N GLU B 208 5.29 28.46 8.14
CA GLU B 208 5.61 27.04 8.31
C GLU B 208 7.00 26.65 7.78
N CYS B 209 7.92 26.35 8.68
CA CYS B 209 9.25 25.85 8.36
C CYS B 209 9.20 24.40 8.01
N TYR B 210 9.89 24.04 6.92
CA TYR B 210 10.09 22.66 6.57
C TYR B 210 11.36 22.13 7.21
N ILE B 211 11.20 21.07 7.98
CA ILE B 211 12.32 20.36 8.58
C ILE B 211 12.52 19.02 7.88
N PRO B 212 13.54 18.93 6.98
CA PRO B 212 13.71 17.77 6.08
C PRO B 212 13.93 16.46 6.82
N GLU B 213 14.69 16.53 7.91
CA GLU B 213 15.12 15.37 8.69
C GLU B 213 14.10 15.04 9.80
N GLY B 214 13.07 15.90 9.92
CA GLY B 214 12.13 15.78 11.02
C GLY B 214 11.15 14.64 10.84
N LYS B 215 10.73 14.07 11.98
CA LYS B 215 9.61 13.09 12.15
C LYS B 215 10.01 12.01 13.14
N TYR B 220 4.46 -0.21 14.59
CA TYR B 220 4.00 0.25 15.90
C TYR B 220 2.86 -0.67 16.35
N GLY B 221 1.60 -0.26 16.15
CA GLY B 221 0.43 -1.00 16.66
C GLY B 221 -0.81 -0.72 15.81
N GLY B 222 -1.97 -1.20 16.25
CA GLY B 222 -3.21 -0.86 15.60
C GLY B 222 -3.60 0.58 15.83
N LEU B 223 -4.60 1.06 15.12
CA LEU B 223 -5.04 2.44 15.22
C LEU B 223 -5.49 2.81 16.63
N ASP B 224 -5.87 1.76 17.33
CA ASP B 224 -6.07 1.69 18.76
C ASP B 224 -5.19 2.60 19.62
N ASP B 225 -3.92 2.67 19.29
CA ASP B 225 -2.92 3.43 20.02
C ASP B 225 -3.25 4.91 19.94
N LEU B 226 -4.06 5.31 18.95
CA LEU B 226 -4.35 6.71 18.71
C LEU B 226 -5.77 7.09 19.14
N ARG B 227 -6.44 6.16 19.83
CA ARG B 227 -7.85 6.32 20.16
C ARG B 227 -8.13 7.51 21.10
N THR B 228 -7.32 7.69 22.13
CA THR B 228 -7.53 8.80 23.03
C THR B 228 -7.29 10.15 22.31
N MET B 229 -6.21 10.22 21.55
CA MET B 229 -5.93 11.43 20.77
C MET B 229 -7.06 11.70 19.77
N LEU B 230 -7.53 10.64 19.14
CA LEU B 230 -8.58 10.79 18.18
C LEU B 230 -9.82 11.45 18.82
N VAL B 231 -10.32 10.92 19.95
CA VAL B 231 -11.58 11.39 20.48
C VAL B 231 -11.45 12.80 21.01
N GLU B 232 -10.27 13.13 21.53
CA GLU B 232 -10.01 14.48 22.07
C GLU B 232 -9.82 15.54 20.96
N CYS B 233 -9.13 15.16 19.85
CA CYS B 233 -8.97 16.04 18.67
C CYS B 233 -10.28 16.27 17.98
N PHE B 234 -11.13 15.25 17.88
CA PHE B 234 -12.44 15.50 17.34
C PHE B 234 -13.28 16.45 18.25
N ALA B 235 -13.29 16.17 19.55
CA ALA B 235 -14.05 17.01 20.50
C ALA B 235 -13.57 18.47 20.37
N ALA B 236 -12.28 18.69 20.24
CA ALA B 236 -11.78 20.08 20.11
C ALA B 236 -12.42 20.79 18.92
N ILE B 237 -12.45 20.14 17.75
CA ILE B 237 -13.07 20.75 16.59
C ILE B 237 -14.56 20.93 16.87
N GLN B 238 -15.21 19.87 17.38
CA GLN B 238 -16.62 19.99 17.68
C GLN B 238 -16.87 21.20 18.60
N SER B 239 -16.02 21.41 19.60
CA SER B 239 -16.27 22.49 20.54
C SER B 239 -16.13 23.86 19.90
N LEU B 240 -15.49 23.96 18.72
CA LEU B 240 -15.31 25.23 18.00
C LEU B 240 -16.30 25.45 16.85
N GLN B 241 -17.12 24.48 16.55
CA GLN B 241 -17.88 24.52 15.31
C GLN B 241 -18.78 25.75 15.03
N HIS B 242 -19.13 26.52 16.07
CA HIS B 242 -20.07 27.64 15.88
C HIS B 242 -19.28 28.95 15.85
N GLU B 243 -17.98 28.87 16.11
CA GLU B 243 -17.10 29.98 15.99
C GLU B 243 -17.02 30.54 14.58
N VAL B 244 -16.67 31.82 14.53
CA VAL B 244 -16.65 32.58 13.31
C VAL B 244 -15.23 33.13 13.11
N VAL B 245 -14.74 33.08 11.88
CA VAL B 245 -13.42 33.68 11.60
C VAL B 245 -13.61 34.87 10.67
N GLY B 246 -13.42 36.07 11.21
CA GLY B 246 -13.88 37.31 10.53
C GLY B 246 -12.77 38.25 10.08
N GLN B 247 -11.53 37.75 10.13
CA GLN B 247 -10.37 38.51 9.68
C GLN B 247 -9.39 37.56 8.99
N PRO B 248 -8.61 38.06 8.01
CA PRO B 248 -7.65 37.18 7.34
C PRO B 248 -6.38 37.07 8.14
N ALA B 249 -5.49 36.21 7.67
CA ALA B 249 -4.21 36.01 8.29
C ALA B 249 -3.15 35.81 7.20
N ILE B 250 -2.00 36.41 7.40
CA ILE B 250 -0.84 36.08 6.57
C ILE B 250 -0.35 34.66 6.93
N HIS B 251 -0.12 33.87 5.90
CA HIS B 251 0.30 32.48 6.05
C HIS B 251 1.15 32.05 4.87
N ARG B 252 2.39 31.68 5.13
CA ARG B 252 3.31 31.25 4.08
C ARG B 252 4.03 30.01 4.56
N GLN B 253 4.31 29.10 3.63
CA GLN B 253 5.05 27.88 3.99
C GLN B 253 6.28 27.68 3.17
N GLU B 254 7.36 27.36 3.85
CA GLU B 254 8.57 26.98 3.19
C GLU B 254 8.25 25.85 2.20
N HIS B 255 8.82 25.96 1.00
CA HIS B 255 8.60 24.92 -0.02
C HIS B 255 9.21 23.61 0.48
N PRO B 256 8.45 22.51 0.38
CA PRO B 256 8.92 21.21 0.91
C PRO B 256 9.82 20.46 -0.08
N HIS B 257 10.88 19.81 0.44
CA HIS B 257 11.69 18.87 -0.39
C HIS B 257 10.85 17.63 -0.70
N ARG B 258 11.30 16.88 -1.71
CA ARG B 258 10.91 15.49 -1.89
C ARG B 258 11.07 14.69 -0.58
N VAL B 259 10.03 13.93 -0.26
CA VAL B 259 10.01 13.10 0.91
C VAL B 259 11.24 12.19 0.89
N PRO B 260 11.96 12.08 2.03
CA PRO B 260 13.04 11.09 2.03
C PRO B 260 12.47 9.68 1.79
N VAL B 261 13.23 8.86 1.06
CA VAL B 261 12.86 7.50 0.79
C VAL B 261 12.60 6.71 2.07
N HIS B 262 13.43 6.89 3.09
CA HIS B 262 13.19 6.21 4.37
C HIS B 262 11.85 6.61 5.04
N ILE B 263 11.24 7.72 4.61
CA ILE B 263 9.97 8.07 5.19
C ILE B 263 8.82 7.59 4.33
N ALA B 264 8.94 7.72 3.02
CA ALA B 264 7.98 7.14 2.10
C ALA B 264 7.82 5.62 2.28
N GLU B 265 8.84 4.94 2.76
CA GLU B 265 8.83 3.47 2.80
C GLU B 265 8.55 2.86 4.19
N ARG B 266 7.99 3.68 5.08
CA ARG B 266 7.52 3.26 6.40
C ARG B 266 6.12 2.66 6.28
N VAL B 267 5.69 1.81 7.24
CA VAL B 267 4.22 1.56 7.40
C VAL B 267 3.76 2.15 8.73
N GLY B 268 2.54 2.68 8.75
CA GLY B 268 2.03 3.56 9.83
C GLY B 268 1.26 2.83 10.93
N TYR B 269 0.83 1.58 10.64
CA TYR B 269 0.05 0.85 11.61
C TYR B 269 -0.14 -0.62 11.24
N ASP B 270 -0.47 -1.44 12.24
CA ASP B 270 -0.67 -2.85 12.07
C ASP B 270 -2.08 -3.08 11.48
N VAL B 271 -2.15 -3.47 10.21
CA VAL B 271 -3.44 -3.60 9.54
C VAL B 271 -4.27 -4.71 10.16
N GLU B 272 -3.65 -5.87 10.40
CA GLU B 272 -4.38 -7.02 10.92
C GLU B 272 -5.05 -6.69 12.28
N ALA B 273 -4.29 -6.05 13.16
CA ALA B 273 -4.80 -5.69 14.47
C ALA B 273 -5.91 -4.65 14.31
N THR B 274 -5.74 -3.75 13.35
CA THR B 274 -6.75 -2.75 13.12
C THR B 274 -8.05 -3.34 12.64
N LEU B 275 -7.97 -4.35 11.78
CA LEU B 275 -9.16 -5.04 11.24
C LEU B 275 -9.89 -5.82 12.35
N HIS B 276 -9.10 -6.42 13.23
CA HIS B 276 -9.63 -7.17 14.35
C HIS B 276 -10.36 -6.23 15.31
N ARG B 277 -9.68 -5.15 15.70
CA ARG B 277 -10.20 -4.23 16.70
C ARG B 277 -11.50 -3.58 16.24
N LEU B 278 -11.67 -3.45 14.92
CA LEU B 278 -12.91 -2.96 14.34
C LEU B 278 -14.14 -3.84 14.65
N MET B 279 -13.92 -5.12 14.93
CA MET B 279 -15.04 -6.04 15.18
C MET B 279 -15.38 -6.18 16.69
N GLN B 280 -14.60 -5.51 17.53
CA GLN B 280 -14.70 -5.68 18.97
C GLN B 280 -15.45 -4.55 19.64
N HIS B 281 -15.92 -4.82 20.87
CA HIS B 281 -16.49 -3.78 21.73
C HIS B 281 -17.71 -3.08 21.16
N TRP B 282 -18.53 -3.87 20.46
CA TRP B 282 -19.88 -3.46 20.10
C TRP B 282 -20.79 -3.46 21.36
N THR B 283 -21.81 -2.63 21.33
CA THR B 283 -22.85 -2.59 22.34
C THR B 283 -24.12 -2.29 21.55
N PRO B 284 -25.27 -2.70 22.10
CA PRO B 284 -26.50 -2.41 21.36
C PRO B 284 -26.77 -0.93 21.17
N ARG B 285 -26.32 -0.08 22.09
CA ARG B 285 -26.49 1.36 21.93
C ARG B 285 -25.66 1.87 20.71
N GLN B 286 -24.46 1.34 20.49
CA GLN B 286 -23.68 1.72 19.30
C GLN B 286 -24.46 1.35 18.06
N VAL B 287 -24.94 0.11 18.01
CA VAL B 287 -25.79 -0.33 16.88
C VAL B 287 -26.94 0.64 16.60
N GLU B 288 -27.57 1.16 17.66
CA GLU B 288 -28.73 2.02 17.53
C GLU B 288 -28.33 3.45 17.17
N LEU B 289 -27.22 3.92 17.71
CA LEU B 289 -26.71 5.25 17.35
C LEU B 289 -26.40 5.38 15.85
N LEU B 290 -25.99 4.29 15.21
CA LEU B 290 -25.74 4.24 13.79
C LEU B 290 -26.95 4.67 12.94
N GLU B 291 -28.13 4.53 13.51
CA GLU B 291 -29.37 4.90 12.83
C GLU B 291 -29.36 6.41 12.45
N LEU B 292 -28.52 7.21 13.09
CA LEU B 292 -28.35 8.61 12.80
C LEU B 292 -27.54 8.92 11.49
N PHE B 293 -26.90 7.90 10.93
CA PHE B 293 -25.94 8.06 9.86
C PHE B 293 -26.61 7.67 8.56
N THR B 294 -25.98 7.99 7.44
CA THR B 294 -26.54 7.69 6.13
C THR B 294 -26.62 6.18 5.97
N THR B 295 -27.50 5.73 5.09
CA THR B 295 -27.67 4.30 4.85
C THR B 295 -26.39 3.48 4.57
N PRO B 296 -25.57 3.89 3.57
CA PRO B 296 -24.33 3.08 3.33
C PRO B 296 -23.40 3.00 4.55
N VAL B 297 -23.34 4.08 5.34
CA VAL B 297 -22.49 4.08 6.53
C VAL B 297 -23.09 3.21 7.64
N ARG B 298 -24.38 3.37 7.87
CA ARG B 298 -25.10 2.54 8.83
C ARG B 298 -24.93 1.06 8.49
N GLU B 299 -25.23 0.71 7.26
CA GLU B 299 -25.10 -0.67 6.83
C GLU B 299 -23.65 -1.12 6.90
N GLY B 300 -22.74 -0.27 6.44
CA GLY B 300 -21.33 -0.59 6.43
C GLY B 300 -20.78 -0.93 7.79
N LEU B 301 -21.06 -0.08 8.78
CA LEU B 301 -20.48 -0.29 10.12
C LEU B 301 -21.16 -1.49 10.79
N ARG B 302 -22.45 -1.68 10.54
CA ARG B 302 -23.15 -2.85 11.07
C ARG B 302 -22.53 -4.15 10.62
N THR B 303 -22.14 -4.20 9.34
CA THR B 303 -21.45 -5.38 8.86
C THR B 303 -20.20 -5.65 9.71
N CYS B 304 -19.53 -4.61 10.21
CA CYS B 304 -18.33 -4.76 11.06
C CYS B 304 -18.53 -5.53 12.36
N GLN B 305 -19.77 -5.80 12.73
CA GLN B 305 -20.02 -6.76 13.83
C GLN B 305 -19.59 -8.18 13.47
N ARG B 306 -19.59 -8.51 12.18
CA ARG B 306 -19.25 -9.87 11.72
C ARG B 306 -17.96 -9.97 10.88
N ARG B 307 -17.66 -8.96 10.07
CA ARG B 307 -16.44 -8.94 9.28
C ARG B 307 -16.03 -7.49 8.96
N PRO B 308 -14.76 -7.27 8.63
CA PRO B 308 -14.35 -5.89 8.39
C PRO B 308 -14.97 -5.38 7.08
N ALA B 309 -15.66 -4.23 7.14
CA ALA B 309 -16.11 -3.56 5.95
C ALA B 309 -15.63 -2.13 5.99
N PHE B 310 -15.24 -1.61 4.82
CA PHE B 310 -14.68 -0.28 4.74
C PHE B 310 -14.76 0.35 3.38
N ASN B 311 -15.03 -0.45 2.34
CA ASN B 311 -15.13 0.09 0.97
C ASN B 311 -16.15 1.20 0.91
N PHE B 312 -17.20 1.11 1.74
CA PHE B 312 -18.28 2.10 1.71
C PHE B 312 -17.79 3.49 2.15
N MET B 313 -16.72 3.55 2.95
CA MET B 313 -16.34 4.81 3.58
C MET B 313 -15.40 5.66 2.70
N ASP B 314 -15.92 6.11 1.56
CA ASP B 314 -15.13 6.99 0.72
C ASP B 314 -15.22 8.42 1.25
N GLU B 315 -14.61 9.37 0.54
CA GLU B 315 -14.55 10.73 1.05
C GLU B 315 -15.90 11.42 1.17
N MET B 316 -16.86 11.06 0.32
CA MET B 316 -18.16 11.68 0.46
C MET B 316 -18.95 11.11 1.62
N ALA B 317 -18.80 9.82 1.85
CA ALA B 317 -19.44 9.18 2.98
C ALA B 317 -18.80 9.73 4.27
N TRP B 318 -17.51 10.00 4.23
CA TRP B 318 -16.84 10.55 5.39
C TRP B 318 -17.30 11.97 5.71
N ALA B 319 -17.56 12.77 4.67
CA ALA B 319 -18.01 14.14 4.92
C ALA B 319 -19.41 14.06 5.52
N ALA B 320 -20.24 13.15 5.02
CA ALA B 320 -21.59 13.06 5.55
C ALA B 320 -21.49 12.60 7.04
N THR B 321 -20.64 11.61 7.28
CA THR B 321 -20.39 11.08 8.61
C THR B 321 -19.90 12.18 9.56
N TYR B 322 -19.00 13.04 9.07
CA TYR B 322 -18.45 14.09 9.88
C TYR B 322 -19.55 15.04 10.35
N HIS B 323 -20.53 15.32 9.49
CA HIS B 323 -21.62 16.23 9.84
C HIS B 323 -22.52 15.65 10.94
N VAL B 324 -22.83 14.36 10.83
CA VAL B 324 -23.61 13.70 11.86
C VAL B 324 -22.87 13.70 13.21
N LEU B 325 -21.57 13.35 13.18
CA LEU B 325 -20.73 13.44 14.37
C LEU B 325 -20.73 14.86 14.99
N LEU B 326 -20.56 15.90 14.18
CA LEU B 326 -20.49 17.25 14.72
C LEU B 326 -21.76 17.56 15.51
N GLU B 327 -22.87 17.10 14.98
CA GLU B 327 -24.17 17.36 15.49
C GLU B 327 -24.50 16.48 16.71
N HIS B 328 -24.07 15.20 16.72
CA HIS B 328 -24.57 14.26 17.72
C HIS B 328 -23.57 13.68 18.71
N PHE B 329 -22.29 13.67 18.35
CA PHE B 329 -21.29 13.05 19.17
C PHE B 329 -21.30 13.66 20.57
N GLN B 330 -21.19 12.81 21.60
CA GLN B 330 -21.11 13.29 23.00
C GLN B 330 -19.72 13.03 23.54
N PRO B 331 -18.91 14.07 23.68
CA PRO B 331 -17.57 13.85 24.25
C PRO B 331 -17.70 13.15 25.61
N GLY B 332 -16.79 12.21 25.88
CA GLY B 332 -16.79 11.52 27.16
C GLY B 332 -17.75 10.36 27.21
N ASP B 333 -18.65 10.24 26.24
CA ASP B 333 -19.56 9.10 26.26
C ASP B 333 -18.87 7.89 25.62
N PRO B 334 -18.80 6.76 26.36
CA PRO B 334 -18.06 5.60 25.85
C PRO B 334 -18.59 5.07 24.51
N ASP B 335 -19.89 4.94 24.35
CA ASP B 335 -20.41 4.48 23.07
C ASP B 335 -20.08 5.45 21.92
N TRP B 336 -20.15 6.76 22.17
CA TRP B 336 -19.91 7.73 21.10
C TRP B 336 -18.43 7.75 20.74
N GLU B 337 -17.56 7.70 21.75
CA GLU B 337 -16.14 7.62 21.51
C GLU B 337 -15.82 6.35 20.72
N GLU B 338 -16.45 5.23 21.10
CA GLU B 338 -16.15 3.96 20.44
C GLU B 338 -16.64 4.00 18.98
N LEU B 339 -17.80 4.62 18.73
CA LEU B 339 -18.36 4.71 17.40
C LEU B 339 -17.49 5.63 16.50
N LEU B 340 -17.01 6.74 17.06
CA LEU B 340 -16.13 7.62 16.34
C LEU B 340 -14.89 6.83 15.97
N PHE B 341 -14.36 6.08 16.92
CA PHE B 341 -13.20 5.27 16.67
C PHE B 341 -13.39 4.26 15.52
N LYS B 342 -14.52 3.59 15.48
CA LYS B 342 -14.72 2.58 14.43
C LYS B 342 -14.92 3.26 13.08
N LEU B 343 -15.62 4.38 13.14
CA LEU B 343 -15.98 5.13 11.98
C LEU B 343 -14.70 5.67 11.32
N TRP B 344 -13.83 6.29 12.11
CA TRP B 344 -12.58 6.79 11.61
C TRP B 344 -11.70 5.64 11.10
N THR B 345 -11.72 4.50 11.80
CA THR B 345 -10.96 3.30 11.42
C THR B 345 -11.39 2.84 10.03
N THR B 346 -12.69 2.79 9.75
CA THR B 346 -13.12 2.40 8.40
C THR B 346 -12.64 3.42 7.36
N ARG B 347 -12.54 4.69 7.73
CA ARG B 347 -12.09 5.74 6.82
C ARG B 347 -10.59 5.55 6.56
N VAL B 348 -9.83 5.28 7.60
CA VAL B 348 -8.40 5.07 7.42
C VAL B 348 -8.17 3.80 6.57
N LEU B 349 -8.96 2.75 6.81
CA LEU B 349 -8.79 1.51 6.06
C LEU B 349 -9.15 1.72 4.60
N ASN B 350 -10.27 2.39 4.34
CA ASN B 350 -10.66 2.70 2.99
C ASN B 350 -9.54 3.48 2.25
N TYR B 351 -9.00 4.51 2.90
CA TYR B 351 -7.96 5.30 2.32
C TYR B 351 -6.70 4.46 2.10
N THR B 352 -6.34 3.64 3.10
CA THR B 352 -5.16 2.74 3.01
C THR B 352 -5.22 1.80 1.79
N MET B 353 -6.37 1.21 1.54
CA MET B 353 -6.47 0.15 0.54
C MET B 353 -6.78 0.72 -0.83
N THR B 354 -7.50 1.83 -0.90
CA THR B 354 -7.83 2.43 -2.18
C THR B 354 -6.99 3.62 -2.57
N VAL B 355 -6.20 4.19 -1.68
CA VAL B 355 -5.40 5.35 -2.03
C VAL B 355 -3.93 5.08 -1.76
N ALA B 356 -3.59 4.71 -0.53
CA ALA B 356 -2.18 4.66 -0.11
C ALA B 356 -1.47 3.50 -0.82
N LEU B 357 -2.21 2.46 -1.16
CA LEU B 357 -1.67 1.32 -1.85
C LEU B 357 -1.22 1.71 -3.27
N ARG B 358 -1.80 2.77 -3.82
CA ARG B 358 -1.39 3.30 -5.11
C ARG B 358 -0.10 4.10 -5.11
N GLY B 359 0.50 4.29 -3.94
CA GLY B 359 1.79 4.94 -3.85
C GLY B 359 1.74 6.32 -3.19
N TYR B 360 2.88 6.72 -2.64
CA TYR B 360 3.01 7.98 -1.95
C TYR B 360 2.49 9.21 -2.71
N ASP B 361 2.91 9.39 -3.96
CA ASP B 361 2.52 10.58 -4.67
C ASP B 361 1.04 10.59 -4.93
N TYR B 362 0.50 9.42 -5.27
CA TYR B 362 -0.92 9.33 -5.51
C TYR B 362 -1.70 9.72 -4.22
N ALA B 363 -1.22 9.26 -3.07
CA ALA B 363 -1.86 9.52 -1.80
C ALA B 363 -1.86 11.01 -1.44
N GLN B 364 -0.69 11.65 -1.51
CA GLN B 364 -0.56 13.09 -1.27
C GLN B 364 -1.52 13.90 -2.12
N GLN B 365 -1.53 13.61 -3.41
CA GLN B 365 -2.37 14.30 -4.37
C GLN B 365 -3.84 14.09 -4.02
N TYR B 366 -4.18 12.86 -3.65
CA TYR B 366 -5.55 12.58 -3.27
C TYR B 366 -6.00 13.41 -2.05
N LEU B 367 -5.14 13.49 -1.04
CA LEU B 367 -5.45 14.15 0.25
C LEU B 367 -5.68 15.67 0.08
N TYR B 368 -4.74 16.36 -0.57
CA TYR B 368 -4.88 17.75 -0.95
C TYR B 368 -6.11 17.98 -1.82
N ARG B 369 -6.36 17.10 -2.79
CA ARG B 369 -7.57 17.24 -3.56
C ARG B 369 -8.84 17.10 -2.67
N MET B 370 -8.80 16.16 -1.70
CA MET B 370 -9.92 15.87 -0.81
C MET B 370 -10.29 17.12 -0.05
N LEU B 371 -9.31 17.77 0.56
CA LEU B 371 -9.54 19.07 1.25
C LEU B 371 -10.11 20.11 0.30
N GLY B 372 -9.58 20.15 -0.93
CA GLY B 372 -10.10 21.02 -2.01
C GLY B 372 -11.55 20.79 -2.25
N ARG B 373 -11.98 19.53 -2.37
CA ARG B 373 -13.42 19.26 -2.59
C ARG B 373 -14.26 19.58 -1.34
N TYR B 374 -13.72 19.33 -0.15
CA TYR B 374 -14.44 19.65 1.07
C TYR B 374 -14.66 21.19 1.19
N ARG B 375 -13.62 21.98 0.95
CA ARG B 375 -13.79 23.45 0.91
C ARG B 375 -14.88 23.90 -0.09
N TYR B 376 -14.84 23.32 -1.29
CA TYR B 376 -15.76 23.66 -2.32
C TYR B 376 -17.18 23.29 -1.93
N GLN B 377 -17.39 22.06 -1.46
CA GLN B 377 -18.70 21.63 -0.95
C GLN B 377 -19.19 22.58 0.18
N ALA B 378 -18.32 22.94 1.11
CA ALA B 378 -18.74 23.76 2.25
C ALA B 378 -19.09 25.19 1.83
N ALA B 379 -18.34 25.77 0.90
CA ALA B 379 -18.52 27.17 0.50
C ALA B 379 -19.75 27.35 -0.36
N LEU B 380 -20.00 26.38 -1.23
CA LEU B 380 -21.22 26.34 -2.03
C LEU B 380 -22.51 26.37 -1.17
N GLU B 381 -22.57 25.49 -0.14
CA GLU B 381 -23.76 25.32 0.72
C GLU B 381 -24.26 26.61 1.43
C LAC C . 0.00 -13.87 -12.26
CA LAC C . -1.44 -13.65 -12.60
CB LAC C . -2.10 -12.59 -11.70
O LAC C . 0.80 -13.86 -13.21
OHN LAC C . -1.54 -13.16 -13.95
OXT LAC C . 0.39 -14.03 -11.07
C TRS D . -8.38 -14.63 18.30
C1 TRS D . -7.76 -15.98 18.64
C2 TRS D . -8.68 -13.91 19.61
C3 TRS D . -9.58 -14.81 17.34
N TRS D . -7.38 -13.83 17.64
O1 TRS D . -7.19 -16.62 17.51
O2 TRS D . -7.54 -13.20 20.07
O3 TRS D . -10.67 -13.90 17.47
NA NA E . 1.53 -9.70 -43.53
C LAC F . -1.75 12.76 13.52
CA LAC F . -1.32 11.84 14.64
CB LAC F . -1.37 10.44 14.04
O LAC F . -1.09 13.82 13.33
OHN LAC F . 0.03 12.08 15.12
OXT LAC F . -2.74 12.45 12.82
C TRS G . -0.40 13.09 27.74
C1 TRS G . 0.79 14.05 27.83
C2 TRS G . -0.34 11.99 26.70
C3 TRS G . -1.67 13.86 27.50
N TRS G . -0.59 12.47 29.04
O1 TRS G . 0.90 14.70 29.11
O2 TRS G . 0.93 11.41 26.47
O3 TRS G . -1.89 14.15 26.15
NA NA H . 22.36 29.62 25.04
#